data_8P7D
#
_entry.id   8P7D
#
_cell.length_a   1.00
_cell.length_b   1.00
_cell.length_c   1.00
_cell.angle_alpha   90.00
_cell.angle_beta   90.00
_cell.angle_gamma   90.00
#
_symmetry.space_group_name_H-M   'P 1'
#
loop_
_entity.id
_entity.type
_entity.pdbx_description
1 polymer 'tRNA N(3)-methylcytidine methyltransferase METTL6'
2 polymer 'Serine--tRNA ligase, cytoplasmic'
3 polymer 'Serine tRNA'
4 non-polymer S-ADENOSYL-L-HOMOCYSTEINE
5 non-polymer 'MAGNESIUM ION'
6 water water
#
loop_
_entity_poly.entity_id
_entity_poly.type
_entity_poly.pdbx_seq_one_letter_code
_entity_poly.pdbx_strand_id
1 'polypeptide(L)'
;MASLQRKGLQARILTSEEEEKLKRDQTLVSDFKQQKLEQEAQKNWDLFYKRNSTNFFKDRHWTTREFEELRSCREFEDQK
LTMLEAGCGVGNCLFPLLEEDPNIFAYACDFSPRAIEYVKQNPLYDTERCKVFQCDLTKDDLLDHVPPESVDVVMLIFVL
SAVHPDKMHLVLQNIYKVLKPGKSVLFRDYGLYDHAMLRFKASSKLGENFYVRQDGTRSYFFTDDFLAQLFMDTGYEEVV
NEYVFRETVNKKEGLCVPRVFLQSKFLKPPKNPSPVVLGLDPKS
;
A
2 'polypeptide(L)'
;MVLDLDLFRVDKGGDPALIRETQEKRFKDPGLVDQLVKADSEWRRCRFRADNLNKLKNLCSKTIGEKMKKKEPVGDDESV
PENVLSFDDLTADALANLKVSQIKKVRLLIDEAILKCDAERIKLEAERFENLREIGNLLHPSVPISNDEDVDNKVERIWG
DCTVRKKYSHVDLVVMVDGFEGEKGAVVAGSRGYFLKGVLVFLEQALIQYALRTLGSRGYIPIYTPFFMRKEVMQEVAQL
SQFDEELYKVIGKGSEKSDDNSYDEKYLIATSEQPIAALHRDEWLRPEDLPIKYAGLSTCFRQEVGSHGRDTRGIFRVHQ
FEKIEQFVYSSPHDNKSWEMFEEMITTAEEFYQSLGIPYHIVNIVSGSLNHAASKKLDLEAWFPGSGAFRELVSCSNCTD
YQARRLRIRYGQTKKMMDKVEFVHMLNATMCATTRTICAILENYQTEKGITVPEKLKEFMPPGLQELIPFVKPAPIEQEP
SKKQKKQHEGSKKKAAARDVTLENRLQNMEVTDA
;
B,D
3 'polyribonucleotide'
;GCAGUGGUGGC(4AC)GAGU(OMG)G(H2U)UAAGGC(M2G)UCGGA(JMH)UUGA(6IA)A(PSU)CCGA(OMU)UCGC
UCUGCGAG(5MC)GUGGG(5MU)(PSU)CG(1MA)AUCCCACCCACUGCGCCA
;
R
#
loop_
_chem_comp.id
_chem_comp.type
_chem_comp.name
_chem_comp.formula
1MA RNA linking 6-HYDRO-1-METHYLADENOSINE-5'-MONOPHOSPHATE 'C11 H16 N5 O7 P'
4AC RNA linking N(4)-ACETYLCYTIDINE-5'-MONOPHOSPHATE 'C11 H16 N3 O9 P'
5MC RNA linking 5-METHYLCYTIDINE-5'-MONOPHOSPHATE 'C10 H16 N3 O8 P'
5MU RNA linking '5-METHYLURIDINE 5'-MONOPHOSPHATE' 'C10 H15 N2 O9 P'
6IA RNA linking N6-ISOPENTENYL-ADENOSINE-5'-MONOPHOSPHATE 'C15 H24 N5 O7 P'
A RNA linking ADENOSINE-5'-MONOPHOSPHATE 'C10 H14 N5 O7 P'
C RNA linking CYTIDINE-5'-MONOPHOSPHATE 'C9 H14 N3 O8 P'
G RNA linking GUANOSINE-5'-MONOPHOSPHATE 'C10 H14 N5 O8 P'
H2U RNA linking 5,6-DIHYDROURIDINE-5'-MONOPHOSPHATE 'C9 H15 N2 O9 P'
JMH RNA linking '3-Methylcytidine- 5'-monophosphate' 'C10 H16 N3 O8 P'
M2G RNA linking N2-DIMETHYLGUANOSINE-5'-MONOPHOSPHATE 'C12 H18 N5 O8 P'
MG non-polymer 'MAGNESIUM ION' 'Mg 2'
OMG RNA linking O2'-METHYLGUANOSINE-5'-MONOPHOSPHATE 'C11 H16 N5 O8 P'
OMU RNA linking 'O2'-METHYLURIDINE 5'-MONOPHOSPHATE' 'C10 H15 N2 O9 P'
PSU RNA linking PSEUDOURIDINE-5'-MONOPHOSPHATE 'C9 H13 N2 O9 P'
SAH non-polymer S-ADENOSYL-L-HOMOCYSTEINE 'C14 H20 N6 O5 S'
U RNA linking URIDINE-5'-MONOPHOSPHATE 'C9 H13 N2 O9 P'
#
# COMPACT_ATOMS: atom_id res chain seq x y z
N THR A 27 22.13 -0.85 -15.55
CA THR A 27 22.44 -1.55 -16.79
C THR A 27 22.85 -2.99 -16.52
N LEU A 28 24.14 -3.27 -16.67
CA LEU A 28 24.65 -4.61 -16.43
C LEU A 28 24.56 -4.97 -14.94
N VAL A 29 24.89 -6.21 -14.63
CA VAL A 29 24.91 -6.65 -13.25
C VAL A 29 26.00 -5.90 -12.50
N SER A 30 25.76 -5.63 -11.22
CA SER A 30 26.72 -4.96 -10.37
C SER A 30 28.10 -5.57 -10.51
N ASP A 31 29.11 -4.69 -10.60
CA ASP A 31 30.47 -5.18 -10.76
C ASP A 31 30.93 -5.96 -9.53
N PHE A 32 30.39 -5.64 -8.36
CA PHE A 32 30.66 -6.45 -7.18
C PHE A 32 30.09 -7.84 -7.34
N LYS A 33 28.89 -7.95 -7.90
CA LYS A 33 28.25 -9.25 -8.04
C LYS A 33 28.95 -10.12 -9.07
N GLN A 34 29.53 -9.51 -10.08
CA GLN A 34 30.20 -10.33 -11.10
C GLN A 34 31.45 -10.95 -10.50
N GLN A 35 32.11 -10.25 -9.60
CA GLN A 35 33.27 -10.83 -8.89
C GLN A 35 32.83 -12.00 -8.01
N LYS A 36 31.71 -11.87 -7.34
CA LYS A 36 31.19 -12.96 -6.51
C LYS A 36 30.84 -14.16 -7.39
N LEU A 37 30.30 -13.91 -8.58
CA LEU A 37 30.01 -15.02 -9.52
C LEU A 37 31.32 -15.69 -9.93
N GLU A 38 32.36 -14.93 -10.22
CA GLU A 38 33.60 -15.58 -10.67
C GLU A 38 34.25 -16.36 -9.55
N GLN A 39 34.24 -15.84 -8.34
CA GLN A 39 34.96 -16.59 -7.28
C GLN A 39 34.14 -17.79 -6.83
N GLU A 40 32.85 -17.82 -7.13
CA GLU A 40 31.98 -18.93 -6.67
C GLU A 40 31.53 -19.81 -7.84
N ALA A 41 32.31 -19.90 -8.90
CA ALA A 41 31.87 -20.71 -10.05
C ALA A 41 31.75 -22.18 -9.66
N GLN A 42 32.76 -22.71 -9.00
CA GLN A 42 32.75 -24.14 -8.65
C GLN A 42 31.65 -24.40 -7.63
N LYS A 43 31.47 -23.50 -6.68
CA LYS A 43 30.40 -23.70 -5.68
C LYS A 43 29.04 -23.70 -6.37
N ASN A 44 28.84 -22.82 -7.33
CA ASN A 44 27.55 -22.74 -8.03
C ASN A 44 27.27 -24.02 -8.81
N TRP A 45 28.26 -24.53 -9.52
CA TRP A 45 28.08 -25.81 -10.22
C TRP A 45 27.88 -26.96 -9.23
N ASP A 46 28.51 -26.93 -8.07
CA ASP A 46 28.37 -28.04 -7.10
C ASP A 46 26.94 -28.04 -6.56
N LEU A 47 26.43 -26.89 -6.19
CA LEU A 47 25.05 -26.82 -5.66
C LEU A 47 24.05 -27.17 -6.76
N PHE A 48 24.43 -26.95 -8.01
CA PHE A 48 23.54 -27.40 -9.10
C PHE A 48 23.39 -28.91 -9.07
N TYR A 49 24.47 -29.64 -8.95
CA TYR A 49 24.42 -31.10 -8.85
C TYR A 49 23.78 -31.53 -7.55
N LYS A 50 23.84 -30.72 -6.50
CA LYS A 50 23.13 -31.05 -5.26
C LYS A 50 21.62 -30.94 -5.39
N ARG A 51 21.13 -29.88 -6.00
CA ARG A 51 19.67 -29.69 -6.07
C ARG A 51 19.08 -30.49 -7.20
N ASN A 52 19.79 -30.62 -8.31
CA ASN A 52 19.23 -31.25 -9.54
C ASN A 52 19.65 -32.71 -9.68
N SER A 53 20.60 -33.18 -8.88
CA SER A 53 21.12 -34.56 -8.97
C SER A 53 21.64 -34.84 -10.38
N THR A 54 21.33 -36.00 -10.95
CA THR A 54 21.74 -36.35 -12.33
C THR A 54 20.52 -36.31 -13.24
N ASN A 55 19.48 -35.58 -12.85
CA ASN A 55 18.20 -35.61 -13.60
C ASN A 55 18.02 -34.42 -14.53
N PHE A 56 18.91 -33.43 -14.51
CA PHE A 56 18.66 -32.21 -15.32
C PHE A 56 19.02 -32.45 -16.78
N PHE A 57 20.26 -32.87 -17.02
CA PHE A 57 20.68 -33.01 -18.43
C PHE A 57 20.39 -34.44 -18.88
N LYS A 58 20.28 -34.64 -20.19
CA LYS A 58 19.96 -35.96 -20.75
C LYS A 58 21.16 -36.46 -21.54
N ASP A 59 21.28 -37.78 -21.72
CA ASP A 59 22.47 -38.35 -22.41
C ASP A 59 22.52 -37.86 -23.84
N ARG A 60 23.73 -37.60 -24.34
CA ARG A 60 23.88 -37.08 -25.71
C ARG A 60 24.22 -38.25 -26.61
N HIS A 61 23.29 -38.70 -27.43
CA HIS A 61 23.51 -39.87 -28.30
C HIS A 61 23.92 -39.37 -29.68
N TRP A 62 23.95 -38.06 -29.89
CA TRP A 62 24.24 -37.49 -31.22
C TRP A 62 25.74 -37.31 -31.38
N THR A 63 26.48 -37.60 -30.33
CA THR A 63 27.93 -37.29 -30.36
C THR A 63 28.63 -38.07 -31.47
N THR A 64 28.50 -39.39 -31.45
CA THR A 64 29.30 -40.20 -32.39
C THR A 64 29.00 -39.77 -33.82
N ARG A 65 27.72 -39.57 -34.14
CA ARG A 65 27.34 -39.19 -35.51
C ARG A 65 27.88 -37.81 -35.89
N GLU A 66 27.83 -36.85 -34.96
CA GLU A 66 28.20 -35.45 -35.31
C GLU A 66 29.66 -35.29 -35.71
N PHE A 67 30.58 -35.97 -35.03
CA PHE A 67 32.02 -35.76 -35.29
C PHE A 67 32.63 -36.91 -36.09
N GLU A 68 33.43 -36.63 -37.13
CA GLU A 68 33.97 -37.73 -37.92
C GLU A 68 34.94 -38.59 -37.11
N GLU A 69 35.51 -38.06 -36.03
CA GLU A 69 36.22 -38.89 -35.10
C GLU A 69 35.24 -39.73 -34.30
N LEU A 70 35.76 -40.49 -33.33
CA LEU A 70 34.88 -41.27 -32.42
C LEU A 70 34.11 -42.32 -33.22
N ARG A 71 34.27 -42.34 -34.53
CA ARG A 71 33.55 -43.33 -35.38
C ARG A 71 34.15 -44.73 -35.23
N SER A 72 33.37 -45.70 -34.74
CA SER A 72 33.78 -47.09 -34.59
C SER A 72 35.14 -47.22 -33.91
N GLN A 79 42.00 -47.78 -33.12
CA GLN A 79 42.27 -48.82 -32.12
C GLN A 79 42.00 -48.31 -30.72
N LYS A 80 43.00 -48.40 -29.85
CA LYS A 80 42.89 -47.90 -28.49
C LYS A 80 42.90 -46.38 -28.52
N LEU A 81 41.73 -45.77 -28.47
CA LEU A 81 41.56 -44.32 -28.60
C LEU A 81 41.41 -43.73 -27.21
N THR A 82 42.48 -43.12 -26.71
CA THR A 82 42.42 -42.47 -25.40
C THR A 82 41.82 -41.07 -25.54
N MET A 83 40.91 -40.75 -24.64
CA MET A 83 40.09 -39.54 -24.75
C MET A 83 40.05 -38.81 -23.42
N LEU A 84 40.02 -37.48 -23.49
CA LEU A 84 39.84 -36.63 -22.33
C LEU A 84 38.53 -35.88 -22.46
N GLU A 85 37.70 -35.95 -21.44
CA GLU A 85 36.41 -35.27 -21.41
C GLU A 85 36.49 -34.14 -20.40
N ALA A 86 36.79 -32.93 -20.88
CA ALA A 86 36.89 -31.77 -20.02
C ALA A 86 35.49 -31.30 -19.65
N GLY A 87 35.22 -31.18 -18.36
CA GLY A 87 33.88 -30.87 -17.93
C GLY A 87 32.96 -32.05 -18.20
N CYS A 88 33.17 -33.13 -17.47
CA CYS A 88 32.44 -34.37 -17.73
C CYS A 88 31.03 -34.37 -17.14
N GLY A 89 30.73 -33.45 -16.23
CA GLY A 89 29.42 -33.47 -15.63
C GLY A 89 29.21 -34.74 -14.84
N VAL A 90 28.00 -35.29 -14.94
CA VAL A 90 27.69 -36.57 -14.32
C VAL A 90 27.72 -37.69 -15.34
N GLY A 91 28.46 -37.51 -16.42
CA GLY A 91 28.38 -38.42 -17.55
C GLY A 91 27.70 -37.72 -18.70
N ASN A 92 26.66 -38.33 -19.26
CA ASN A 92 25.76 -37.70 -20.19
C ASN A 92 26.45 -37.33 -21.50
N CYS A 93 27.77 -37.47 -21.55
CA CYS A 93 28.52 -37.24 -22.78
C CYS A 93 29.57 -38.29 -23.06
N LEU A 94 30.08 -39.00 -22.06
CA LEU A 94 31.05 -40.06 -22.28
C LEU A 94 30.50 -41.45 -22.09
N PHE A 95 29.51 -41.63 -21.21
CA PHE A 95 28.91 -42.95 -21.05
C PHE A 95 28.22 -43.44 -22.33
N PRO A 96 27.47 -42.62 -23.07
CA PRO A 96 26.91 -43.11 -24.34
C PRO A 96 27.98 -43.60 -25.32
N LEU A 97 28.94 -42.72 -25.62
CA LEU A 97 30.01 -43.04 -26.61
C LEU A 97 30.95 -44.10 -26.05
N LEU A 98 30.86 -44.40 -24.77
CA LEU A 98 31.74 -45.35 -24.13
C LEU A 98 31.14 -46.74 -24.06
N GLU A 99 29.82 -46.83 -23.89
CA GLU A 99 29.12 -48.09 -24.08
C GLU A 99 28.90 -48.40 -25.56
N GLU A 100 29.01 -47.40 -26.43
CA GLU A 100 28.91 -47.66 -27.87
C GLU A 100 30.18 -48.33 -28.39
N ASP A 101 31.32 -47.64 -28.27
CA ASP A 101 32.58 -48.15 -28.77
C ASP A 101 33.37 -48.75 -27.61
N PRO A 102 33.69 -50.04 -27.63
CA PRO A 102 34.30 -50.68 -26.45
C PRO A 102 35.82 -50.68 -26.41
N ASN A 103 36.51 -49.92 -27.25
CA ASN A 103 37.97 -49.83 -27.19
C ASN A 103 38.43 -48.40 -26.98
N ILE A 104 37.77 -47.70 -26.07
CA ILE A 104 38.08 -46.30 -25.76
C ILE A 104 38.39 -46.19 -24.28
N PHE A 105 39.55 -45.63 -23.97
CA PHE A 105 39.89 -45.22 -22.61
C PHE A 105 39.62 -43.73 -22.48
N ALA A 106 39.06 -43.32 -21.34
CA ALA A 106 38.56 -41.98 -21.17
C ALA A 106 39.10 -41.34 -19.91
N TYR A 107 39.56 -40.10 -20.01
CA TYR A 107 39.86 -39.27 -18.87
C TYR A 107 38.71 -38.28 -18.65
N ALA A 108 38.32 -38.10 -17.41
CA ALA A 108 37.18 -37.27 -17.06
C ALA A 108 37.61 -36.17 -16.10
N CYS A 109 37.32 -34.93 -16.46
CA CYS A 109 37.74 -33.75 -15.72
C CYS A 109 36.51 -32.93 -15.34
N ASP A 110 36.46 -32.51 -14.07
CA ASP A 110 35.34 -31.68 -13.57
C ASP A 110 35.78 -31.04 -12.25
N PHE A 111 35.50 -29.76 -12.06
CA PHE A 111 35.95 -29.08 -10.81
C PHE A 111 34.91 -29.24 -9.70
N SER A 112 33.78 -29.89 -9.98
CA SER A 112 32.75 -30.11 -8.93
C SER A 112 32.88 -31.52 -8.36
N PRO A 113 33.09 -31.68 -7.04
CA PRO A 113 33.23 -33.00 -6.43
C PRO A 113 31.96 -33.85 -6.59
N ARG A 114 30.78 -33.26 -6.39
CA ARG A 114 29.49 -33.97 -6.54
C ARG A 114 29.38 -34.64 -7.93
N ALA A 115 29.78 -33.98 -9.00
CA ALA A 115 29.72 -34.57 -10.33
C ALA A 115 30.63 -35.78 -10.42
N ILE A 116 31.83 -35.69 -9.83
CA ILE A 116 32.76 -36.82 -9.85
C ILE A 116 32.18 -37.99 -9.08
N GLU A 117 31.57 -37.72 -7.92
CA GLU A 117 31.00 -38.81 -7.14
C GLU A 117 29.83 -39.46 -7.88
N TYR A 118 29.01 -38.67 -8.56
CA TYR A 118 27.94 -39.24 -9.37
C TYR A 118 28.50 -40.09 -10.51
N VAL A 119 29.58 -39.63 -11.15
CA VAL A 119 30.17 -40.43 -12.21
C VAL A 119 30.69 -41.76 -11.68
N LYS A 120 31.29 -41.73 -10.49
CA LYS A 120 31.85 -42.96 -9.91
C LYS A 120 30.74 -43.92 -9.48
N GLN A 121 29.66 -43.40 -8.91
CA GLN A 121 28.57 -44.27 -8.48
C GLN A 121 27.72 -44.77 -9.63
N ASN A 122 28.02 -44.37 -10.85
CA ASN A 122 27.29 -44.88 -12.00
C ASN A 122 27.59 -46.36 -12.17
N PRO A 123 26.57 -47.21 -12.37
CA PRO A 123 26.84 -48.65 -12.52
C PRO A 123 27.62 -48.98 -13.78
N LEU A 124 27.60 -48.12 -14.79
CA LEU A 124 28.33 -48.33 -16.02
C LEU A 124 29.81 -47.96 -15.91
N TYR A 125 30.26 -47.61 -14.71
CA TYR A 125 31.63 -47.13 -14.52
C TYR A 125 32.57 -48.29 -14.22
N ASP A 126 33.72 -48.29 -14.88
CA ASP A 126 34.78 -49.23 -14.57
C ASP A 126 36.12 -48.54 -14.77
N THR A 127 37.03 -48.74 -13.81
CA THR A 127 38.30 -48.03 -13.82
C THR A 127 39.16 -48.41 -15.02
N GLU A 128 38.96 -49.59 -15.60
CA GLU A 128 39.80 -50.01 -16.72
C GLU A 128 39.53 -49.21 -17.98
N ARG A 129 38.39 -48.53 -18.06
CA ARG A 129 38.06 -47.73 -19.23
C ARG A 129 37.95 -46.24 -18.96
N CYS A 130 37.85 -45.83 -17.69
CA CYS A 130 37.71 -44.42 -17.35
C CYS A 130 38.71 -44.06 -16.27
N LYS A 131 39.11 -42.78 -16.27
CA LYS A 131 39.94 -42.21 -15.21
C LYS A 131 39.38 -40.84 -14.90
N VAL A 132 38.49 -40.77 -13.94
CA VAL A 132 37.85 -39.52 -13.55
C VAL A 132 38.73 -38.83 -12.52
N PHE A 133 38.71 -37.50 -12.53
CA PHE A 133 39.48 -36.73 -11.58
C PHE A 133 38.99 -35.29 -11.59
N GLN A 134 39.07 -34.64 -10.45
CA GLN A 134 38.69 -33.25 -10.36
C GLN A 134 39.86 -32.36 -10.78
N CYS A 135 39.57 -31.36 -11.60
CA CYS A 135 40.60 -30.42 -12.02
C CYS A 135 39.93 -29.15 -12.52
N ASP A 136 40.18 -28.03 -11.84
CA ASP A 136 39.74 -26.73 -12.31
C ASP A 136 40.58 -26.36 -13.53
N LEU A 137 39.96 -26.40 -14.72
CA LEU A 137 40.68 -26.25 -15.97
C LEU A 137 41.37 -24.90 -16.13
N THR A 138 41.11 -23.94 -15.25
CA THR A 138 41.80 -22.66 -15.30
C THR A 138 42.93 -22.56 -14.29
N LYS A 139 42.72 -23.04 -13.06
CA LYS A 139 43.74 -22.98 -12.02
C LYS A 139 44.66 -24.20 -12.08
N ASP A 140 44.10 -25.39 -11.99
CA ASP A 140 44.90 -26.60 -11.94
C ASP A 140 45.52 -26.87 -13.31
N ASP A 141 46.42 -27.86 -13.33
CA ASP A 141 47.08 -28.30 -14.55
C ASP A 141 46.73 -29.76 -14.83
N LEU A 142 46.65 -30.11 -16.11
CA LEU A 142 46.24 -31.45 -16.50
C LEU A 142 47.37 -32.47 -16.41
N LEU A 143 48.63 -32.02 -16.46
CA LEU A 143 49.74 -32.97 -16.38
C LEU A 143 49.82 -33.69 -15.05
N ASP A 144 49.16 -33.17 -14.02
CA ASP A 144 49.16 -33.87 -12.74
C ASP A 144 48.33 -35.14 -12.77
N HIS A 145 47.56 -35.39 -13.82
CA HIS A 145 46.74 -36.58 -13.91
C HIS A 145 46.81 -37.31 -15.25
N VAL A 146 47.20 -36.65 -16.33
CA VAL A 146 47.29 -37.30 -17.63
C VAL A 146 48.69 -37.09 -18.19
N PRO A 147 49.20 -38.00 -19.01
CA PRO A 147 50.55 -37.87 -19.53
C PRO A 147 50.59 -36.90 -20.70
N PRO A 148 51.69 -36.18 -20.87
CA PRO A 148 51.75 -35.17 -21.93
C PRO A 148 51.66 -35.78 -23.32
N GLU A 149 51.02 -35.04 -24.22
CA GLU A 149 50.91 -35.40 -25.64
C GLU A 149 50.40 -36.82 -25.82
N SER A 150 49.44 -37.22 -24.97
CA SER A 150 48.91 -38.57 -24.97
C SER A 150 47.51 -38.66 -25.54
N VAL A 151 46.62 -37.77 -25.13
CA VAL A 151 45.23 -37.84 -25.56
C VAL A 151 45.14 -37.58 -27.06
N ASP A 152 44.33 -38.37 -27.75
CA ASP A 152 44.13 -38.22 -29.18
C ASP A 152 42.88 -37.45 -29.54
N VAL A 153 41.96 -37.26 -28.59
CA VAL A 153 40.79 -36.43 -28.82
C VAL A 153 40.25 -35.92 -27.49
N VAL A 154 39.95 -34.63 -27.43
CA VAL A 154 39.38 -34.00 -26.25
C VAL A 154 38.12 -33.25 -26.65
N MET A 155 37.08 -33.36 -25.83
CA MET A 155 35.78 -32.84 -26.16
C MET A 155 35.42 -31.66 -25.27
N LEU A 156 34.83 -30.63 -25.87
CA LEU A 156 34.38 -29.44 -25.17
C LEU A 156 32.92 -29.23 -25.54
N ILE A 157 32.03 -29.90 -24.84
CA ILE A 157 30.60 -29.88 -25.14
C ILE A 157 29.90 -29.08 -24.04
N PHE A 158 29.55 -27.83 -24.35
CA PHE A 158 28.83 -26.96 -23.42
C PHE A 158 29.59 -26.82 -22.10
N VAL A 159 30.90 -26.71 -22.20
CA VAL A 159 31.76 -26.53 -21.04
C VAL A 159 32.43 -25.16 -21.04
N LEU A 160 32.82 -24.66 -22.21
CA LEU A 160 33.53 -23.40 -22.27
C LEU A 160 32.61 -22.21 -22.00
N SER A 161 31.31 -22.36 -22.19
CA SER A 161 30.40 -21.25 -21.92
C SER A 161 30.25 -20.98 -20.44
N ALA A 162 30.58 -21.95 -19.59
CA ALA A 162 30.52 -21.76 -18.15
C ALA A 162 31.79 -21.13 -17.59
N VAL A 163 32.78 -20.89 -18.43
CA VAL A 163 34.05 -20.30 -18.03
C VAL A 163 34.02 -18.82 -18.37
N HIS A 164 34.65 -17.99 -17.52
CA HIS A 164 34.65 -16.53 -17.74
C HIS A 164 35.41 -16.24 -19.03
N PRO A 165 34.94 -15.31 -19.86
CA PRO A 165 35.58 -15.03 -21.16
C PRO A 165 37.05 -14.66 -21.06
N ASP A 166 37.52 -14.21 -19.90
CA ASP A 166 38.91 -13.83 -19.74
C ASP A 166 39.75 -14.94 -19.14
N LYS A 167 39.17 -16.11 -18.92
CA LYS A 167 39.97 -17.26 -18.43
C LYS A 167 39.77 -18.46 -19.35
N MET A 168 39.30 -18.25 -20.58
CA MET A 168 39.11 -19.35 -21.50
C MET A 168 40.42 -19.81 -22.13
N HIS A 169 41.25 -18.87 -22.56
CA HIS A 169 42.54 -19.24 -23.12
C HIS A 169 43.38 -19.99 -22.09
N LEU A 170 43.14 -19.74 -20.80
CA LEU A 170 43.77 -20.57 -19.78
C LEU A 170 43.42 -22.04 -19.98
N VAL A 171 42.15 -22.32 -20.23
CA VAL A 171 41.73 -23.71 -20.44
C VAL A 171 42.32 -24.24 -21.73
N LEU A 172 42.34 -23.42 -22.79
CA LEU A 172 42.87 -23.89 -24.05
C LEU A 172 44.35 -24.25 -23.94
N GLN A 173 45.11 -23.46 -23.18
CA GLN A 173 46.52 -23.77 -22.99
C GLN A 173 46.70 -24.95 -22.06
N ASN A 174 45.87 -25.07 -21.04
CA ASN A 174 45.95 -26.20 -20.13
C ASN A 174 45.73 -27.52 -20.86
N ILE A 175 44.82 -27.52 -21.84
CA ILE A 175 44.61 -28.73 -22.63
C ILE A 175 45.51 -28.80 -23.86
N TYR A 176 46.26 -27.74 -24.16
CA TYR A 176 47.16 -27.79 -25.30
C TYR A 176 48.33 -28.72 -25.06
N LYS A 177 48.72 -28.90 -23.81
CA LYS A 177 49.92 -29.65 -23.48
C LYS A 177 49.70 -31.16 -23.41
N VAL A 178 48.45 -31.62 -23.32
CA VAL A 178 48.17 -33.04 -23.23
C VAL A 178 47.70 -33.62 -24.55
N LEU A 179 47.62 -32.82 -25.59
CA LEU A 179 47.12 -33.28 -26.87
C LEU A 179 48.27 -33.79 -27.72
N LYS A 180 48.06 -34.94 -28.35
CA LYS A 180 49.06 -35.47 -29.27
C LYS A 180 49.23 -34.50 -30.44
N PRO A 181 50.47 -34.26 -30.89
CA PRO A 181 50.71 -33.16 -31.85
C PRO A 181 49.98 -33.30 -33.17
N GLY A 182 49.24 -34.38 -33.39
CA GLY A 182 48.42 -34.49 -34.59
C GLY A 182 46.95 -34.64 -34.25
N LYS A 183 46.63 -34.59 -32.97
CA LYS A 183 45.27 -34.83 -32.50
C LYS A 183 44.43 -33.57 -32.67
N SER A 184 43.23 -33.56 -32.10
CA SER A 184 42.29 -32.48 -32.30
C SER A 184 41.45 -32.28 -31.05
N VAL A 185 40.63 -31.23 -31.07
CA VAL A 185 39.73 -30.88 -29.99
C VAL A 185 38.34 -30.62 -30.56
N LEU A 186 37.33 -31.23 -29.97
CA LEU A 186 35.96 -31.15 -30.46
C LEU A 186 35.15 -30.22 -29.57
N PHE A 187 34.35 -29.35 -30.19
CA PHE A 187 33.72 -28.25 -29.48
C PHE A 187 32.31 -28.02 -30.00
N ARG A 188 31.33 -28.12 -29.11
CA ARG A 188 29.99 -27.61 -29.38
C ARG A 188 29.54 -26.81 -28.17
N ASP A 189 29.03 -25.61 -28.42
CA ASP A 189 28.50 -24.78 -27.35
C ASP A 189 27.59 -23.73 -27.97
N TYR A 190 26.98 -22.92 -27.11
CA TYR A 190 26.03 -21.91 -27.55
C TYR A 190 26.67 -20.97 -28.56
N GLY A 191 25.84 -20.49 -29.48
CA GLY A 191 26.26 -19.51 -30.46
C GLY A 191 25.44 -18.24 -30.33
N LEU A 192 25.82 -17.25 -31.12
CA LEU A 192 25.22 -15.93 -31.02
C LEU A 192 23.75 -15.97 -31.44
N TYR A 193 22.93 -15.20 -30.74
CA TYR A 193 21.53 -15.01 -31.09
C TYR A 193 20.72 -16.30 -30.97
N ASP A 194 21.12 -17.18 -30.08
CA ASP A 194 20.31 -18.40 -29.85
C ASP A 194 19.09 -17.96 -29.03
N HIS A 195 18.06 -18.79 -28.96
CA HIS A 195 16.84 -18.35 -28.25
C HIS A 195 17.14 -18.19 -26.76
N ALA A 196 17.88 -19.13 -26.19
CA ALA A 196 18.16 -19.04 -24.76
C ALA A 196 18.79 -17.70 -24.41
N MET A 197 19.58 -17.14 -25.32
CA MET A 197 20.14 -15.82 -25.12
C MET A 197 19.06 -14.75 -25.08
N LEU A 198 17.99 -14.94 -25.83
CA LEU A 198 16.95 -13.93 -25.94
C LEU A 198 15.92 -14.02 -24.82
N ARG A 199 15.78 -15.18 -24.18
CA ARG A 199 14.87 -15.31 -23.06
C ARG A 199 15.36 -14.56 -21.82
N PHE A 200 16.67 -14.36 -21.71
CA PHE A 200 17.24 -13.77 -20.51
C PHE A 200 16.76 -12.34 -20.34
N LYS A 201 16.25 -12.02 -19.15
CA LYS A 201 15.88 -10.65 -18.85
C LYS A 201 17.13 -9.78 -18.77
N ALA A 202 16.93 -8.47 -18.82
CA ALA A 202 18.07 -7.56 -18.80
C ALA A 202 18.78 -7.54 -17.47
N SER A 203 18.12 -7.95 -16.39
CA SER A 203 18.76 -8.02 -15.09
C SER A 203 19.65 -9.23 -14.94
N SER A 204 19.83 -10.02 -16.00
CA SER A 204 20.67 -11.22 -15.96
C SER A 204 21.87 -11.09 -16.88
N LYS A 205 22.25 -9.88 -17.25
CA LYS A 205 23.30 -9.65 -18.23
C LYS A 205 24.56 -9.17 -17.53
N LEU A 206 25.67 -9.86 -17.76
CA LEU A 206 26.96 -9.50 -17.19
C LEU A 206 27.82 -8.69 -18.16
N GLY A 207 27.47 -8.68 -19.44
CA GLY A 207 28.30 -8.07 -20.44
C GLY A 207 27.84 -8.52 -21.81
N GLU A 208 28.58 -8.09 -22.82
CA GLU A 208 28.23 -8.44 -24.20
C GLU A 208 28.23 -9.96 -24.36
N ASN A 209 27.04 -10.53 -24.60
CA ASN A 209 26.87 -11.96 -24.85
C ASN A 209 27.20 -12.79 -23.61
N PHE A 210 27.07 -12.21 -22.43
CA PHE A 210 27.50 -12.86 -21.19
C PHE A 210 26.40 -12.72 -20.16
N TYR A 211 25.76 -13.83 -19.81
CA TYR A 211 24.60 -13.83 -18.94
C TYR A 211 24.82 -14.75 -17.76
N VAL A 212 23.91 -14.68 -16.81
CA VAL A 212 23.96 -15.53 -15.63
C VAL A 212 22.57 -16.09 -15.39
N ARG A 213 22.50 -17.35 -14.98
CA ARG A 213 21.23 -18.00 -14.72
C ARG A 213 20.80 -17.79 -13.27
N GLN A 214 19.57 -18.19 -12.99
CA GLN A 214 19.03 -18.07 -11.64
C GLN A 214 19.87 -18.81 -10.62
N ASP A 215 20.56 -19.86 -11.04
CA ASP A 215 21.32 -20.75 -10.11
C ASP A 215 22.76 -20.30 -9.95
N GLY A 216 23.19 -19.28 -10.67
CA GLY A 216 24.53 -18.77 -10.52
C GLY A 216 25.49 -19.16 -11.63
N THR A 217 25.22 -20.26 -12.32
CA THR A 217 26.02 -20.63 -13.47
C THR A 217 25.83 -19.62 -14.58
N ARG A 218 26.86 -19.50 -15.41
CA ARG A 218 26.84 -18.45 -16.44
C ARG A 218 26.76 -19.04 -17.84
N SER A 219 26.54 -18.21 -18.83
CA SER A 219 26.42 -18.60 -20.23
C SER A 219 27.04 -17.54 -21.12
N TYR A 220 28.08 -17.90 -21.84
CA TYR A 220 28.66 -17.05 -22.86
C TYR A 220 28.25 -17.58 -24.22
N PHE A 221 27.83 -16.69 -25.11
CA PHE A 221 27.34 -17.06 -26.43
C PHE A 221 28.40 -16.67 -27.45
N PHE A 222 29.06 -17.68 -28.02
CA PHE A 222 30.23 -17.46 -28.85
C PHE A 222 29.84 -17.05 -30.26
N THR A 223 30.74 -16.32 -30.90
CA THR A 223 30.70 -16.07 -32.33
C THR A 223 31.88 -16.79 -32.98
N ASP A 224 31.73 -17.07 -34.27
CA ASP A 224 32.78 -17.79 -35.00
C ASP A 224 34.11 -17.04 -34.92
N ASP A 225 34.07 -15.72 -35.06
CA ASP A 225 35.31 -14.93 -35.02
C ASP A 225 35.93 -14.98 -33.63
N PHE A 226 35.11 -14.86 -32.58
CA PHE A 226 35.64 -14.87 -31.22
C PHE A 226 36.32 -16.19 -30.91
N LEU A 227 35.65 -17.31 -31.21
CA LEU A 227 36.24 -18.61 -30.94
C LEU A 227 37.48 -18.85 -31.79
N ALA A 228 37.43 -18.42 -33.06
CA ALA A 228 38.59 -18.59 -33.91
C ALA A 228 39.80 -17.86 -33.36
N GLN A 229 39.64 -16.58 -33.04
CA GLN A 229 40.75 -15.79 -32.52
C GLN A 229 41.08 -16.13 -31.06
N LEU A 230 40.25 -16.93 -30.40
CA LEU A 230 40.64 -17.43 -29.08
C LEU A 230 41.44 -18.72 -29.17
N PHE A 231 41.14 -19.56 -30.15
CA PHE A 231 41.94 -20.77 -30.35
C PHE A 231 43.25 -20.46 -31.04
N MET A 232 43.28 -19.46 -31.92
CA MET A 232 44.52 -19.14 -32.63
C MET A 232 45.55 -18.51 -31.70
N ASP A 233 45.10 -17.83 -30.64
CA ASP A 233 46.02 -17.18 -29.72
C ASP A 233 46.74 -18.15 -28.80
N THR A 234 46.39 -19.43 -28.82
CA THR A 234 47.00 -20.42 -27.95
C THR A 234 47.69 -21.54 -28.70
N GLY A 235 47.78 -21.46 -30.02
CA GLY A 235 48.56 -22.40 -30.78
C GLY A 235 47.80 -23.51 -31.48
N TYR A 236 46.54 -23.29 -31.82
CA TYR A 236 45.74 -24.29 -32.52
C TYR A 236 45.58 -23.90 -33.98
N GLU A 237 44.97 -24.81 -34.74
CA GLU A 237 44.73 -24.60 -36.16
C GLU A 237 43.29 -24.98 -36.46
N GLU A 238 42.57 -24.07 -37.10
CA GLU A 238 41.15 -24.28 -37.37
C GLU A 238 40.96 -25.23 -38.53
N VAL A 239 40.02 -26.15 -38.36
CA VAL A 239 39.64 -27.11 -39.40
C VAL A 239 38.22 -26.85 -39.89
N VAL A 240 37.24 -26.98 -39.01
CA VAL A 240 35.86 -26.62 -39.29
C VAL A 240 35.35 -25.79 -38.13
N ASN A 241 34.63 -24.71 -38.45
CA ASN A 241 34.02 -23.86 -37.43
C ASN A 241 32.82 -23.17 -38.07
N GLU A 242 31.63 -23.70 -37.82
CA GLU A 242 30.43 -23.22 -38.47
C GLU A 242 29.24 -23.49 -37.57
N TYR A 243 28.21 -22.65 -37.73
CA TYR A 243 27.04 -22.74 -36.84
C TYR A 243 26.18 -23.94 -37.20
N VAL A 244 25.42 -24.43 -36.24
CA VAL A 244 24.47 -25.55 -36.47
C VAL A 244 23.12 -24.99 -36.08
N PHE A 245 22.10 -25.14 -36.91
CA PHE A 245 20.80 -24.50 -36.60
C PHE A 245 19.79 -25.61 -36.27
N ARG A 246 18.96 -25.41 -35.27
CA ARG A 246 17.90 -26.39 -34.95
C ARG A 246 16.63 -25.62 -34.65
N GLU A 247 15.72 -26.22 -33.88
CA GLU A 247 14.50 -25.52 -33.42
C GLU A 247 13.95 -26.28 -32.21
N THR A 248 13.17 -25.63 -31.36
CA THR A 248 12.57 -26.34 -30.20
C THR A 248 11.06 -26.17 -30.36
N VAL A 249 10.28 -27.23 -30.25
CA VAL A 249 8.83 -26.99 -30.44
C VAL A 249 8.07 -27.72 -29.36
N ASN A 250 7.18 -27.04 -28.64
CA ASN A 250 6.32 -27.72 -27.63
C ASN A 250 4.92 -27.70 -28.22
N LYS A 251 4.42 -28.85 -28.66
CA LYS A 251 3.13 -28.80 -29.37
C LYS A 251 2.04 -28.28 -28.45
N LYS A 252 2.04 -28.72 -27.18
CA LYS A 252 0.89 -28.36 -26.31
C LYS A 252 0.80 -26.85 -26.17
N GLU A 253 1.94 -26.19 -26.03
CA GLU A 253 1.94 -24.70 -25.97
C GLU A 253 2.18 -24.17 -27.39
N GLY A 254 2.32 -25.07 -28.36
CA GLY A 254 2.48 -24.63 -29.75
C GLY A 254 3.66 -23.70 -29.89
N LEU A 255 4.74 -24.00 -29.19
CA LEU A 255 5.91 -23.10 -29.23
C LEU A 255 6.95 -23.69 -30.17
N CYS A 256 7.32 -22.98 -31.22
CA CYS A 256 8.46 -23.48 -32.03
C CYS A 256 9.46 -22.33 -32.05
N VAL A 257 10.73 -22.59 -31.71
CA VAL A 257 11.70 -21.46 -31.60
C VAL A 257 13.02 -21.84 -32.28
N PRO A 258 13.75 -20.88 -32.85
CA PRO A 258 15.08 -21.15 -33.42
C PRO A 258 16.18 -21.39 -32.38
N ARG A 259 17.18 -22.22 -32.68
CA ARG A 259 18.33 -22.44 -31.77
C ARG A 259 19.60 -22.34 -32.60
N VAL A 260 20.67 -21.77 -32.06
CA VAL A 260 21.92 -21.56 -32.85
C VAL A 260 23.10 -22.03 -32.00
N PHE A 261 23.56 -23.25 -32.22
CA PHE A 261 24.76 -23.76 -31.59
C PHE A 261 25.93 -23.60 -32.55
N LEU A 262 27.13 -23.47 -31.99
CA LEU A 262 28.33 -23.36 -32.78
C LEU A 262 29.15 -24.63 -32.58
N GLN A 263 29.35 -25.38 -33.66
CA GLN A 263 30.13 -26.60 -33.67
C GLN A 263 31.43 -26.35 -34.40
N SER A 264 32.50 -26.99 -33.93
CA SER A 264 33.79 -26.77 -34.57
C SER A 264 34.75 -27.89 -34.19
N LYS A 265 35.85 -27.95 -34.94
CA LYS A 265 36.94 -28.87 -34.66
C LYS A 265 38.25 -28.13 -34.91
N PHE A 266 39.10 -28.07 -33.89
CA PHE A 266 40.42 -27.48 -34.00
C PHE A 266 41.47 -28.57 -33.84
N LEU A 267 42.60 -28.39 -34.50
CA LEU A 267 43.63 -29.41 -34.59
C LEU A 267 44.97 -28.85 -34.19
N LYS A 268 45.72 -29.61 -33.40
CA LYS A 268 47.05 -29.19 -32.95
C LYS A 268 48.06 -29.39 -34.06
N PRO A 269 48.85 -28.38 -34.40
CA PRO A 269 49.73 -28.46 -35.58
C PRO A 269 50.70 -29.63 -35.49
N PRO A 270 50.85 -30.39 -36.57
CA PRO A 270 51.75 -31.54 -36.54
C PRO A 270 53.20 -31.14 -36.28
N LYS A 271 53.72 -30.25 -37.13
CA LYS A 271 55.10 -29.79 -36.99
C LYS A 271 55.32 -28.51 -37.80
N VAL B 2 12.46 2.48 5.64
CA VAL B 2 13.89 2.46 5.93
C VAL B 2 14.67 2.08 4.69
N LEU B 3 15.97 2.33 4.73
CA LEU B 3 16.83 1.94 3.62
C LEU B 3 17.24 0.47 3.76
N ASP B 4 17.74 -0.08 2.67
CA ASP B 4 18.25 -1.43 2.68
C ASP B 4 19.54 -1.49 3.48
N LEU B 5 19.61 -2.42 4.43
CA LEU B 5 20.80 -2.51 5.28
C LEU B 5 22.04 -2.88 4.49
N ASP B 6 21.89 -3.53 3.34
CA ASP B 6 23.06 -3.90 2.57
C ASP B 6 23.69 -2.71 1.86
N LEU B 7 23.02 -1.55 1.83
CA LEU B 7 23.64 -0.35 1.32
C LEU B 7 24.77 0.13 2.19
N PHE B 8 24.84 -0.34 3.43
CA PHE B 8 25.88 0.04 4.36
C PHE B 8 26.97 -1.02 4.51
N ARG B 9 26.64 -2.28 4.25
CA ARG B 9 27.65 -3.33 4.29
C ARG B 9 28.57 -3.19 3.10
N VAL B 10 29.85 -2.91 3.36
CA VAL B 10 30.81 -2.78 2.26
C VAL B 10 31.34 -4.13 1.82
N ASP B 11 31.29 -5.15 2.69
CA ASP B 11 31.64 -6.49 2.26
C ASP B 11 30.64 -7.02 1.25
N LYS B 12 29.40 -6.57 1.31
CA LYS B 12 28.45 -6.72 0.22
C LYS B 12 28.67 -5.57 -0.75
N GLY B 13 27.75 -5.37 -1.69
CA GLY B 13 27.98 -4.35 -2.68
C GLY B 13 27.67 -2.95 -2.23
N GLY B 14 27.72 -2.70 -0.93
CA GLY B 14 27.28 -1.43 -0.40
C GLY B 14 28.35 -0.36 -0.44
N ASP B 15 27.94 0.85 -0.08
CA ASP B 15 28.83 2.00 0.00
C ASP B 15 28.26 3.03 0.96
N PRO B 16 28.73 3.09 2.19
CA PRO B 16 28.20 4.08 3.14
C PRO B 16 28.60 5.51 2.82
N ALA B 17 29.62 5.71 1.98
CA ALA B 17 30.01 7.05 1.61
C ALA B 17 28.89 7.75 0.84
N LEU B 18 28.20 7.01 -0.03
CA LEU B 18 27.08 7.58 -0.76
C LEU B 18 25.95 7.95 0.18
N ILE B 19 25.70 7.14 1.19
CA ILE B 19 24.70 7.51 2.19
C ILE B 19 25.13 8.74 2.93
N ARG B 20 26.43 8.91 3.16
CA ARG B 20 26.90 10.14 3.79
C ARG B 20 26.66 11.35 2.91
N GLU B 21 26.95 11.24 1.62
CA GLU B 21 26.68 12.36 0.72
C GLU B 21 25.20 12.72 0.70
N THR B 22 24.32 11.71 0.64
CA THR B 22 22.90 12.00 0.65
C THR B 22 22.46 12.62 1.97
N GLN B 23 23.00 12.13 3.08
CA GLN B 23 22.65 12.70 4.39
C GLN B 23 23.18 14.11 4.55
N GLU B 24 24.21 14.48 3.80
CA GLU B 24 24.65 15.87 3.78
C GLU B 24 23.75 16.72 2.91
N LYS B 25 23.38 16.22 1.73
CA LYS B 25 22.52 16.99 0.83
C LYS B 25 21.17 17.27 1.46
N ARG B 26 20.67 16.36 2.28
CA ARG B 26 19.43 16.64 3.00
C ARG B 26 19.64 17.53 4.20
N PHE B 27 20.88 17.97 4.44
CA PHE B 27 21.22 18.82 5.58
C PHE B 27 20.83 18.16 6.89
N LYS B 28 20.95 16.85 6.95
CA LYS B 28 20.76 16.07 8.16
C LYS B 28 22.13 15.71 8.72
N ASP B 29 22.14 14.86 9.73
CA ASP B 29 23.37 14.56 10.45
C ASP B 29 24.09 13.39 9.79
N PRO B 30 25.26 13.60 9.19
CA PRO B 30 26.09 12.45 8.84
C PRO B 30 26.64 11.84 10.12
N GLY B 31 27.44 10.79 10.02
CA GLY B 31 27.92 10.22 11.25
C GLY B 31 26.87 9.34 11.91
N LEU B 32 25.60 9.68 11.71
CA LEU B 32 24.55 8.70 11.92
C LEU B 32 24.83 7.45 11.09
N VAL B 33 25.39 7.65 9.90
CA VAL B 33 25.78 6.53 9.06
C VAL B 33 26.89 5.74 9.71
N ASP B 34 27.84 6.41 10.36
CA ASP B 34 28.94 5.69 10.99
C ASP B 34 28.48 4.95 12.24
N GLN B 35 27.63 5.59 13.05
CA GLN B 35 27.03 4.88 14.16
C GLN B 35 26.27 3.66 13.68
N LEU B 36 25.52 3.80 12.59
CA LEU B 36 24.78 2.66 12.04
C LEU B 36 25.73 1.57 11.59
N VAL B 37 26.81 1.94 10.91
CA VAL B 37 27.71 0.93 10.38
C VAL B 37 28.37 0.15 11.50
N LYS B 38 28.77 0.84 12.57
CA LYS B 38 29.42 0.11 13.65
C LYS B 38 28.41 -0.74 14.42
N ALA B 39 27.20 -0.23 14.65
CA ALA B 39 26.19 -1.03 15.32
C ALA B 39 25.83 -2.26 14.51
N ASP B 40 25.76 -2.12 13.19
CA ASP B 40 25.41 -3.24 12.33
C ASP B 40 26.54 -4.26 12.28
N SER B 41 27.79 -3.79 12.16
CA SER B 41 28.90 -4.73 12.12
C SER B 41 29.03 -5.48 13.44
N GLU B 42 28.67 -4.86 14.55
CA GLU B 42 28.68 -5.58 15.82
C GLU B 42 27.51 -6.55 15.91
N TRP B 43 26.33 -6.13 15.42
CA TRP B 43 25.17 -7.00 15.45
C TRP B 43 25.39 -8.25 14.62
N ARG B 44 26.16 -8.16 13.54
CA ARG B 44 26.38 -9.35 12.73
C ARG B 44 27.20 -10.39 13.49
N ARG B 45 28.24 -9.97 14.20
CA ARG B 45 29.00 -10.91 15.01
C ARG B 45 28.17 -11.48 16.13
N CYS B 46 27.34 -10.64 16.76
CA CYS B 46 26.49 -11.15 17.83
C CYS B 46 25.48 -12.15 17.29
N ARG B 47 24.97 -11.93 16.09
CA ARG B 47 24.04 -12.88 15.48
C ARG B 47 24.74 -14.20 15.17
N PHE B 48 25.95 -14.14 14.63
CA PHE B 48 26.72 -15.36 14.40
C PHE B 48 26.87 -16.16 15.69
N ARG B 49 27.25 -15.49 16.77
CA ARG B 49 27.46 -16.19 18.03
C ARG B 49 26.16 -16.77 18.57
N ALA B 50 25.06 -16.04 18.43
CA ALA B 50 23.80 -16.55 18.93
C ALA B 50 23.33 -17.75 18.13
N ASP B 51 23.52 -17.74 16.81
CA ASP B 51 23.21 -18.91 16.00
C ASP B 51 24.03 -20.11 16.42
N ASN B 52 25.31 -19.91 16.72
CA ASN B 52 26.13 -21.05 17.13
C ASN B 52 25.69 -21.61 18.47
N LEU B 53 25.32 -20.73 19.40
CA LEU B 53 24.82 -21.21 20.68
C LEU B 53 23.52 -21.97 20.50
N ASN B 54 22.65 -21.48 19.63
CA ASN B 54 21.40 -22.19 19.35
C ASN B 54 21.68 -23.56 18.75
N LYS B 55 22.65 -23.65 17.86
CA LYS B 55 23.01 -24.94 17.28
C LYS B 55 23.48 -25.91 18.34
N LEU B 56 24.31 -25.44 19.27
CA LEU B 56 24.77 -26.33 20.34
C LEU B 56 23.62 -26.80 21.22
N LYS B 57 22.71 -25.89 21.57
CA LYS B 57 21.56 -26.29 22.37
C LYS B 57 20.71 -27.32 21.63
N ASN B 58 20.44 -27.09 20.35
CA ASN B 58 19.69 -28.05 19.55
C ASN B 58 20.36 -29.40 19.56
N LEU B 59 21.68 -29.42 19.42
CA LEU B 59 22.39 -30.69 19.31
C LEU B 59 22.38 -31.42 20.64
N CYS B 60 22.46 -30.68 21.74
CA CYS B 60 22.30 -31.28 23.06
C CYS B 60 20.93 -31.93 23.20
N SER B 61 19.88 -31.22 22.81
CA SER B 61 18.53 -31.76 22.95
C SER B 61 18.34 -33.00 22.08
N LYS B 62 18.87 -32.98 20.87
CA LYS B 62 18.77 -34.15 20.00
C LYS B 62 19.49 -35.34 20.60
N THR B 63 20.70 -35.13 21.13
CA THR B 63 21.43 -36.23 21.75
C THR B 63 20.68 -36.77 22.97
N ILE B 64 20.11 -35.89 23.78
CA ILE B 64 19.34 -36.33 24.94
C ILE B 64 18.16 -37.18 24.52
N GLY B 65 17.43 -36.72 23.50
CA GLY B 65 16.31 -37.49 23.02
C GLY B 65 16.71 -38.87 22.53
N GLU B 66 17.84 -38.95 21.83
CA GLU B 66 18.27 -40.25 21.33
C GLU B 66 18.70 -41.16 22.47
N LYS B 67 19.46 -40.64 23.45
CA LYS B 67 19.82 -41.42 24.62
C LYS B 67 18.57 -41.96 25.30
N MET B 68 17.53 -41.12 25.43
CA MET B 68 16.34 -41.55 26.14
C MET B 68 15.57 -42.61 25.36
N LYS B 69 15.45 -42.44 24.04
CA LYS B 69 14.63 -43.39 23.28
C LYS B 69 15.39 -44.70 23.04
N LYS B 70 16.71 -44.68 23.14
CA LYS B 70 17.41 -45.95 23.17
C LYS B 70 17.59 -46.49 24.59
N LYS B 71 16.95 -45.86 25.58
CA LYS B 71 16.91 -46.35 26.96
C LYS B 71 18.31 -46.49 27.55
N GLU B 72 18.99 -45.35 27.66
CA GLU B 72 20.33 -45.35 28.23
C GLU B 72 20.26 -45.68 29.73
N ASP B 88 32.75 -24.00 25.12
CA ASP B 88 31.73 -24.65 24.31
C ASP B 88 32.32 -25.11 22.98
N ASP B 89 33.32 -25.97 23.05
CA ASP B 89 33.90 -26.63 21.88
C ASP B 89 33.31 -28.02 21.66
N LEU B 90 32.04 -28.19 22.00
CA LEU B 90 31.40 -29.50 21.90
C LEU B 90 31.14 -29.87 20.45
N THR B 91 31.29 -31.15 20.15
CA THR B 91 30.99 -31.69 18.83
C THR B 91 29.87 -32.70 18.94
N ALA B 92 29.40 -33.16 17.78
CA ALA B 92 28.35 -34.17 17.77
C ALA B 92 28.80 -35.44 18.47
N ASP B 93 29.94 -35.99 18.04
CA ASP B 93 30.47 -37.20 18.67
C ASP B 93 30.90 -36.93 20.10
N ALA B 94 31.32 -35.69 20.39
CA ALA B 94 31.77 -35.37 21.74
C ALA B 94 30.64 -35.53 22.75
N LEU B 95 29.46 -35.05 22.41
CA LEU B 95 28.32 -35.20 23.32
C LEU B 95 27.82 -36.63 23.37
N ALA B 96 28.03 -37.40 22.31
CA ALA B 96 27.59 -38.79 22.27
C ALA B 96 28.25 -39.67 23.32
N ASN B 97 29.20 -39.13 24.10
CA ASN B 97 29.91 -39.90 25.10
C ASN B 97 29.66 -39.37 26.52
N LEU B 98 28.48 -38.84 26.78
CA LEU B 98 28.14 -38.32 28.09
C LEU B 98 26.82 -38.88 28.57
N LYS B 99 26.71 -39.05 29.88
CA LYS B 99 25.43 -39.40 30.46
C LYS B 99 24.49 -38.20 30.40
N VAL B 100 23.19 -38.48 30.50
CA VAL B 100 22.18 -37.45 30.32
C VAL B 100 22.38 -36.31 31.31
N SER B 101 22.75 -36.64 32.55
CA SER B 101 22.95 -35.62 33.57
C SER B 101 24.04 -34.65 33.16
N GLN B 102 25.12 -35.16 32.56
CA GLN B 102 26.21 -34.28 32.16
C GLN B 102 25.78 -33.36 31.01
N ILE B 103 25.00 -33.89 30.08
CA ILE B 103 24.53 -33.07 28.97
C ILE B 103 23.60 -31.98 29.49
N LYS B 104 22.84 -32.27 30.53
CA LYS B 104 21.99 -31.23 31.11
C LYS B 104 22.83 -30.18 31.83
N LYS B 105 23.90 -30.62 32.51
CA LYS B 105 24.83 -29.68 33.09
C LYS B 105 25.38 -28.73 32.02
N VAL B 106 25.72 -29.27 30.85
CA VAL B 106 26.21 -28.44 29.74
C VAL B 106 25.10 -27.52 29.24
N ARG B 107 23.87 -28.03 29.17
CA ARG B 107 22.75 -27.21 28.71
C ARG B 107 22.55 -25.99 29.59
N LEU B 108 22.86 -26.09 30.87
CA LEU B 108 22.70 -24.92 31.74
C LEU B 108 23.67 -23.81 31.38
N LEU B 109 24.94 -24.16 31.12
CA LEU B 109 25.89 -23.16 30.64
C LEU B 109 25.45 -22.58 29.31
N ILE B 110 25.00 -23.43 28.39
CA ILE B 110 24.46 -22.96 27.12
C ILE B 110 23.35 -21.94 27.37
N ASP B 111 22.48 -22.22 28.33
CA ASP B 111 21.37 -21.32 28.61
C ASP B 111 21.84 -19.97 29.09
N GLU B 112 22.80 -19.94 30.01
CA GLU B 112 23.30 -18.67 30.49
C GLU B 112 23.91 -17.85 29.35
N ALA B 113 24.78 -18.50 28.56
CA ALA B 113 25.42 -17.79 27.46
C ALA B 113 24.38 -17.27 26.47
N ILE B 114 23.37 -18.08 26.16
CA ILE B 114 22.33 -17.68 25.23
C ILE B 114 21.59 -16.47 25.75
N LEU B 115 21.32 -16.44 27.06
CA LEU B 115 20.55 -15.34 27.61
C LEU B 115 21.32 -14.03 27.54
N LYS B 116 22.61 -14.05 27.91
CA LYS B 116 23.35 -12.80 27.84
C LYS B 116 23.56 -12.36 26.39
N CYS B 117 23.81 -13.31 25.48
CA CYS B 117 23.93 -12.95 24.07
C CYS B 117 22.62 -12.39 23.53
N ASP B 118 21.49 -12.91 23.99
CA ASP B 118 20.20 -12.42 23.53
C ASP B 118 19.98 -10.98 23.99
N ALA B 119 20.35 -10.68 25.23
CA ALA B 119 20.22 -9.30 25.71
C ALA B 119 21.09 -8.36 24.87
N GLU B 120 22.35 -8.75 24.64
CA GLU B 120 23.24 -7.91 23.83
C GLU B 120 22.68 -7.71 22.43
N ARG B 121 22.12 -8.77 21.84
CA ARG B 121 21.62 -8.68 20.48
C ARG B 121 20.38 -7.80 20.40
N ILE B 122 19.48 -7.90 21.38
CA ILE B 122 18.30 -7.06 21.37
C ILE B 122 18.70 -5.60 21.50
N LYS B 123 19.68 -5.30 22.36
CA LYS B 123 20.15 -3.93 22.48
C LYS B 123 20.73 -3.42 21.17
N LEU B 124 21.57 -4.23 20.53
CA LEU B 124 22.18 -3.81 19.27
C LEU B 124 21.14 -3.61 18.18
N GLU B 125 20.13 -4.48 18.13
CA GLU B 125 19.06 -4.32 17.16
C GLU B 125 18.32 -3.02 17.36
N ALA B 126 17.92 -2.74 18.59
CA ALA B 126 17.19 -1.50 18.85
C ALA B 126 18.04 -0.27 18.51
N GLU B 127 19.33 -0.32 18.83
CA GLU B 127 20.19 0.81 18.53
C GLU B 127 20.36 1.02 17.03
N ARG B 128 20.65 -0.06 16.30
CA ARG B 128 20.78 0.04 14.85
C ARG B 128 19.50 0.56 14.23
N PHE B 129 18.34 0.12 14.74
CA PHE B 129 17.10 0.56 14.13
C PHE B 129 16.82 2.02 14.42
N GLU B 130 17.11 2.48 15.64
CA GLU B 130 16.86 3.88 15.93
C GLU B 130 17.86 4.77 15.20
N ASN B 131 18.99 4.23 14.76
CA ASN B 131 19.85 4.99 13.86
C ASN B 131 19.36 4.96 12.43
N LEU B 132 18.73 3.86 12.02
CA LEU B 132 18.34 3.68 10.63
C LEU B 132 17.08 4.47 10.30
N ARG B 133 16.15 4.55 11.24
CA ARG B 133 14.89 5.23 10.97
C ARG B 133 15.05 6.74 10.83
N GLU B 134 16.24 7.28 11.05
CA GLU B 134 16.47 8.71 10.95
C GLU B 134 17.39 9.04 9.78
N ILE B 135 17.52 8.13 8.83
CA ILE B 135 18.28 8.35 7.61
C ILE B 135 17.30 8.41 6.45
N GLY B 136 17.41 9.43 5.63
CA GLY B 136 16.43 9.66 4.61
C GLY B 136 16.69 8.87 3.35
N ASN B 137 15.63 8.76 2.55
CA ASN B 137 15.70 8.09 1.27
C ASN B 137 16.76 8.74 0.38
N LEU B 138 17.21 7.99 -0.61
CA LEU B 138 18.07 8.55 -1.63
C LEU B 138 17.32 9.63 -2.40
N LEU B 139 18.06 10.62 -2.89
CA LEU B 139 17.47 11.76 -3.58
C LEU B 139 17.49 11.55 -5.07
N HIS B 140 16.40 11.92 -5.72
CA HIS B 140 16.41 12.00 -7.17
C HIS B 140 17.35 13.13 -7.60
N PRO B 141 18.12 12.93 -8.68
CA PRO B 141 19.08 13.96 -9.08
C PRO B 141 18.45 15.27 -9.53
N SER B 142 17.13 15.36 -9.62
CA SER B 142 16.46 16.59 -10.02
C SER B 142 16.17 17.50 -8.84
N VAL B 143 16.36 17.03 -7.62
CA VAL B 143 16.08 17.83 -6.43
C VAL B 143 17.09 18.97 -6.35
N PRO B 144 16.67 20.20 -6.05
CA PRO B 144 17.62 21.30 -5.84
C PRO B 144 18.23 21.22 -4.44
N ILE B 145 19.55 21.15 -4.38
CA ILE B 145 20.23 20.97 -3.11
C ILE B 145 20.28 22.32 -2.39
N SER B 146 19.62 22.40 -1.24
CA SER B 146 19.52 23.64 -0.50
C SER B 146 18.80 23.37 0.81
N ASN B 147 18.73 24.41 1.63
CA ASN B 147 18.00 24.36 2.88
C ASN B 147 17.08 25.56 3.04
N ASP B 148 17.10 26.50 2.10
CA ASP B 148 16.26 27.69 2.12
C ASP B 148 15.11 27.47 1.16
N GLU B 149 13.95 27.10 1.71
CA GLU B 149 12.78 26.85 0.87
C GLU B 149 12.30 28.13 0.20
N ASP B 150 12.40 29.27 0.88
CA ASP B 150 11.88 30.51 0.32
C ASP B 150 12.71 31.02 -0.84
N VAL B 151 13.94 30.58 -0.99
CA VAL B 151 14.86 31.12 -1.97
C VAL B 151 15.09 30.16 -3.12
N ASP B 152 15.33 28.88 -2.83
CA ASP B 152 15.83 27.96 -3.83
C ASP B 152 14.78 26.99 -4.36
N ASN B 153 13.55 27.02 -3.85
CA ASN B 153 12.49 26.20 -4.40
C ASN B 153 12.32 26.52 -5.87
N LYS B 154 12.52 25.53 -6.72
CA LYS B 154 12.53 25.74 -8.16
C LYS B 154 11.11 25.72 -8.70
N VAL B 155 10.71 26.80 -9.37
CA VAL B 155 9.43 26.84 -10.06
C VAL B 155 9.59 26.18 -11.42
N GLU B 156 8.75 25.17 -11.69
CA GLU B 156 8.83 24.41 -12.93
C GLU B 156 7.91 24.97 -14.00
N ARG B 157 6.62 25.05 -13.71
CA ARG B 157 5.62 25.48 -14.67
C ARG B 157 4.72 26.51 -14.04
N ILE B 158 4.06 27.30 -14.87
CA ILE B 158 3.06 28.27 -14.42
C ILE B 158 1.86 28.16 -15.35
N TRP B 159 0.67 28.18 -14.77
CA TRP B 159 -0.56 28.17 -15.54
C TRP B 159 -1.48 29.28 -15.05
N GLY B 160 -2.02 30.03 -15.99
CA GLY B 160 -2.97 31.07 -15.66
C GLY B 160 -2.33 32.39 -15.32
N ASP B 161 -3.16 33.28 -14.78
CA ASP B 161 -2.75 34.60 -14.37
C ASP B 161 -2.51 34.59 -12.86
N CYS B 162 -1.25 34.68 -12.46
CA CYS B 162 -0.87 34.59 -11.05
C CYS B 162 -0.49 35.93 -10.46
N THR B 163 -0.95 37.04 -11.06
CA THR B 163 -0.67 38.36 -10.53
C THR B 163 -1.92 39.21 -10.32
N VAL B 164 -3.09 38.76 -10.74
CA VAL B 164 -4.30 39.54 -10.58
C VAL B 164 -4.65 39.67 -9.10
N ARG B 165 -5.30 40.77 -8.74
CA ARG B 165 -5.71 41.02 -7.37
C ARG B 165 -7.23 41.21 -7.32
N LYS B 166 -7.83 40.80 -6.21
CA LYS B 166 -9.26 40.91 -6.01
C LYS B 166 -9.52 41.36 -4.58
N LYS B 167 -10.76 41.73 -4.30
CA LYS B 167 -11.06 42.53 -3.12
C LYS B 167 -10.88 41.74 -1.84
N TYR B 168 -11.68 40.70 -1.64
CA TYR B 168 -11.72 40.03 -0.36
C TYR B 168 -10.88 38.77 -0.34
N SER B 169 -10.34 38.45 0.82
CA SER B 169 -9.71 37.18 1.04
C SER B 169 -10.73 36.16 1.51
N HIS B 170 -10.33 34.90 1.53
CA HIS B 170 -11.26 33.84 1.88
C HIS B 170 -11.80 34.01 3.29
N VAL B 171 -11.03 34.65 4.17
CA VAL B 171 -11.45 34.83 5.55
C VAL B 171 -12.71 35.68 5.64
N ASP B 172 -12.87 36.63 4.72
CA ASP B 172 -14.10 37.40 4.65
C ASP B 172 -15.16 36.70 3.82
N LEU B 173 -14.74 36.07 2.74
CA LEU B 173 -15.69 35.50 1.79
C LEU B 173 -16.48 34.35 2.41
N VAL B 174 -15.88 33.58 3.31
CA VAL B 174 -16.65 32.48 3.89
C VAL B 174 -17.74 32.99 4.81
N VAL B 175 -17.62 34.21 5.31
CA VAL B 175 -18.66 34.77 6.15
C VAL B 175 -19.68 35.55 5.33
N MET B 176 -19.25 36.24 4.29
CA MET B 176 -20.19 36.97 3.45
C MET B 176 -21.18 36.06 2.76
N VAL B 177 -20.86 34.78 2.59
CA VAL B 177 -21.81 33.83 2.01
C VAL B 177 -22.58 33.07 3.07
N ASP B 178 -22.28 33.31 4.35
CA ASP B 178 -22.97 32.65 5.47
C ASP B 178 -22.77 31.14 5.42
N GLY B 179 -21.53 30.72 5.31
CA GLY B 179 -21.25 29.31 5.21
C GLY B 179 -20.26 28.84 6.24
N PHE B 180 -20.03 29.65 7.26
CA PHE B 180 -18.95 29.38 8.19
C PHE B 180 -19.35 29.84 9.57
N GLU B 181 -19.09 29.01 10.55
CA GLU B 181 -19.36 29.33 11.95
C GLU B 181 -18.10 29.05 12.74
N GLY B 182 -17.36 30.10 13.06
CA GLY B 182 -16.10 29.95 13.75
C GLY B 182 -16.19 30.05 15.26
N GLU B 183 -16.93 31.03 15.76
CA GLU B 183 -17.02 31.23 17.21
C GLU B 183 -17.77 30.07 17.86
N LYS B 184 -18.91 29.69 17.30
CA LYS B 184 -19.63 28.56 17.86
C LYS B 184 -18.86 27.27 17.67
N GLY B 185 -18.10 27.14 16.58
CA GLY B 185 -17.26 25.99 16.42
C GLY B 185 -16.19 25.89 17.48
N ALA B 186 -15.59 27.02 17.85
CA ALA B 186 -14.58 27.02 18.89
C ALA B 186 -15.21 26.79 20.26
N VAL B 187 -16.47 27.18 20.44
CA VAL B 187 -17.14 26.84 21.68
C VAL B 187 -17.40 25.34 21.76
N VAL B 188 -17.72 24.71 20.62
CA VAL B 188 -18.05 23.30 20.63
C VAL B 188 -16.78 22.44 20.64
N ALA B 189 -15.85 22.72 19.73
CA ALA B 189 -14.68 21.88 19.58
C ALA B 189 -13.41 22.49 20.13
N GLY B 190 -13.34 23.82 20.21
CA GLY B 190 -12.14 24.47 20.73
C GLY B 190 -11.41 25.21 19.65
N SER B 191 -10.17 25.65 19.94
CA SER B 191 -9.45 26.49 18.95
C SER B 191 -9.53 25.89 17.55
N ARG B 192 -10.02 26.65 16.58
CA ARG B 192 -10.05 26.21 15.16
C ARG B 192 -11.27 25.35 14.82
N GLY B 193 -12.09 24.96 15.80
CA GLY B 193 -13.27 24.22 15.41
C GLY B 193 -14.19 25.08 14.57
N TYR B 194 -14.95 24.44 13.70
CA TYR B 194 -15.81 25.21 12.83
C TYR B 194 -17.00 24.37 12.40
N PHE B 195 -18.11 25.05 12.14
CA PHE B 195 -19.25 24.47 11.44
C PHE B 195 -19.20 25.00 10.03
N LEU B 196 -19.25 24.10 9.06
CA LEU B 196 -19.49 24.51 7.69
C LEU B 196 -20.97 24.36 7.41
N LYS B 197 -21.59 25.37 6.81
CA LYS B 197 -23.03 25.31 6.69
C LYS B 197 -23.50 25.89 5.37
N GLY B 198 -24.71 25.52 4.99
CA GLY B 198 -25.38 26.12 3.87
C GLY B 198 -24.76 25.86 2.53
N VAL B 199 -24.38 26.93 1.83
CA VAL B 199 -23.88 26.80 0.46
C VAL B 199 -22.51 26.17 0.41
N LEU B 200 -21.74 26.23 1.49
CA LEU B 200 -20.40 25.68 1.45
C LEU B 200 -20.38 24.19 1.71
N VAL B 201 -21.45 23.63 2.29
CA VAL B 201 -21.57 22.18 2.34
C VAL B 201 -21.87 21.62 0.97
N PHE B 202 -22.75 22.28 0.23
CA PHE B 202 -23.02 21.88 -1.15
C PHE B 202 -21.79 22.00 -2.01
N LEU B 203 -20.99 23.04 -1.81
CA LEU B 203 -19.79 23.23 -2.62
C LEU B 203 -18.74 22.19 -2.29
N GLU B 204 -18.56 21.86 -1.01
CA GLU B 204 -17.64 20.80 -0.64
C GLU B 204 -18.07 19.47 -1.25
N GLN B 205 -19.37 19.16 -1.17
CA GLN B 205 -19.84 17.91 -1.75
C GLN B 205 -19.67 17.90 -3.26
N ALA B 206 -19.84 19.05 -3.91
CA ALA B 206 -19.61 19.12 -5.35
C ALA B 206 -18.17 18.84 -5.69
N LEU B 207 -17.25 19.39 -4.90
CA LEU B 207 -15.82 19.11 -5.11
C LEU B 207 -15.52 17.63 -4.95
N ILE B 208 -16.10 17.00 -3.93
CA ILE B 208 -15.86 15.58 -3.72
C ILE B 208 -16.39 14.76 -4.88
N GLN B 209 -17.60 15.06 -5.34
CA GLN B 209 -18.17 14.33 -6.47
C GLN B 209 -17.30 14.49 -7.71
N TYR B 210 -16.88 15.73 -8.00
CA TYR B 210 -16.10 15.97 -9.20
C TYR B 210 -14.76 15.27 -9.14
N ALA B 211 -14.10 15.33 -7.99
CA ALA B 211 -12.79 14.71 -7.88
C ALA B 211 -12.88 13.19 -7.96
N LEU B 212 -13.86 12.61 -7.29
CA LEU B 212 -14.03 11.16 -7.36
C LEU B 212 -14.36 10.71 -8.77
N ARG B 213 -15.19 11.48 -9.48
CA ARG B 213 -15.53 11.09 -10.84
C ARG B 213 -14.32 11.19 -11.76
N THR B 214 -13.52 12.24 -11.62
CA THR B 214 -12.32 12.39 -12.43
C THR B 214 -11.35 11.24 -12.17
N LEU B 215 -11.04 10.99 -10.91
CA LEU B 215 -10.09 9.93 -10.59
C LEU B 215 -10.61 8.57 -11.00
N GLY B 216 -11.91 8.33 -10.86
CA GLY B 216 -12.47 7.07 -11.29
C GLY B 216 -12.39 6.87 -12.79
N SER B 217 -12.57 7.94 -13.55
CA SER B 217 -12.43 7.80 -14.99
C SER B 217 -10.98 7.57 -15.39
N ARG B 218 -10.03 8.10 -14.62
CA ARG B 218 -8.62 7.83 -14.91
C ARG B 218 -8.21 6.40 -14.59
N GLY B 219 -9.02 5.65 -13.87
CA GLY B 219 -8.69 4.29 -13.50
C GLY B 219 -8.37 4.07 -12.04
N TYR B 220 -8.55 5.07 -11.19
CA TYR B 220 -8.35 4.88 -9.77
C TYR B 220 -9.56 4.19 -9.16
N ILE B 221 -9.32 3.46 -8.09
CA ILE B 221 -10.38 2.78 -7.36
C ILE B 221 -10.74 3.65 -6.16
N PRO B 222 -11.95 4.19 -6.09
CA PRO B 222 -12.32 4.98 -4.91
C PRO B 222 -12.36 4.08 -3.70
N ILE B 223 -11.83 4.58 -2.59
CA ILE B 223 -11.75 3.77 -1.39
C ILE B 223 -11.96 4.67 -0.19
N TYR B 224 -12.88 4.28 0.67
CA TYR B 224 -13.21 5.01 1.87
C TYR B 224 -12.52 4.31 3.03
N THR B 225 -11.63 4.98 3.66
CA THR B 225 -10.75 4.31 4.59
C THR B 225 -11.28 4.43 6.02
N PRO B 226 -10.85 3.54 6.91
CA PRO B 226 -11.12 3.76 8.33
C PRO B 226 -10.31 4.94 8.85
N PHE B 227 -10.82 5.58 9.92
CA PHE B 227 -10.15 6.82 10.40
C PHE B 227 -9.29 6.51 11.62
N PHE B 228 -9.48 5.33 12.22
CA PHE B 228 -8.63 4.92 13.36
C PHE B 228 -7.61 3.91 12.86
N MET B 229 -6.31 4.18 13.02
CA MET B 229 -5.29 3.17 12.66
C MET B 229 -4.68 2.65 13.95
N ARG B 230 -4.34 1.37 14.00
CA ARG B 230 -3.70 0.86 15.20
C ARG B 230 -2.25 1.32 15.29
N LYS B 231 -1.71 1.33 16.50
CA LYS B 231 -0.35 1.83 16.69
C LYS B 231 0.68 0.93 16.01
N GLU B 232 0.48 -0.38 16.08
CA GLU B 232 1.41 -1.31 15.46
C GLU B 232 1.54 -1.04 13.96
N VAL B 233 0.44 -0.68 13.32
CA VAL B 233 0.47 -0.42 11.89
C VAL B 233 0.84 1.03 11.57
N MET B 234 0.45 1.97 12.43
CA MET B 234 0.78 3.37 12.16
C MET B 234 2.27 3.63 12.24
N GLN B 235 2.98 2.91 13.11
CA GLN B 235 4.43 3.07 13.19
C GLN B 235 5.10 2.81 11.86
N GLU B 236 4.59 1.86 11.08
CA GLU B 236 5.23 1.47 9.84
C GLU B 236 4.95 2.42 8.68
N VAL B 237 3.97 3.31 8.81
CA VAL B 237 3.61 4.24 7.75
C VAL B 237 3.88 5.69 8.10
N ALA B 238 4.26 5.97 9.34
CA ALA B 238 4.44 7.34 9.80
C ALA B 238 5.90 7.55 10.22
N GLN B 239 6.19 8.77 10.65
CA GLN B 239 7.52 9.20 11.07
C GLN B 239 7.52 9.43 12.58
N LEU B 240 8.72 9.57 13.15
CA LEU B 240 8.85 9.79 14.59
C LEU B 240 8.17 11.08 15.02
N SER B 241 8.51 12.19 14.35
CA SER B 241 7.97 13.49 14.74
C SER B 241 6.46 13.53 14.61
N GLN B 242 5.94 13.07 13.47
CA GLN B 242 4.48 13.04 13.27
C GLN B 242 3.81 12.17 14.33
N PHE B 243 4.21 10.91 14.42
CA PHE B 243 3.66 9.98 15.40
C PHE B 243 3.80 10.50 16.82
N ASP B 244 4.70 11.44 17.06
CA ASP B 244 4.90 11.97 18.40
C ASP B 244 3.94 13.11 18.71
N GLU B 245 3.99 14.16 17.90
CA GLU B 245 3.29 15.40 18.23
C GLU B 245 2.20 15.78 17.24
N GLU B 246 2.01 15.01 16.17
CA GLU B 246 1.06 15.42 15.14
C GLU B 246 -0.22 14.60 15.13
N LEU B 247 -0.25 13.46 15.81
CA LEU B 247 -1.37 12.52 15.72
C LEU B 247 -2.19 12.55 17.00
N TYR B 248 -3.50 12.62 16.85
CA TYR B 248 -4.41 12.44 17.97
C TYR B 248 -4.47 10.96 18.35
N LYS B 249 -4.66 10.71 19.63
CA LYS B 249 -4.78 9.37 20.15
C LYS B 249 -6.23 9.12 20.57
N VAL B 250 -6.77 7.98 20.16
CA VAL B 250 -8.15 7.61 20.48
C VAL B 250 -8.14 6.57 21.60
N ILE B 251 -9.09 6.67 22.51
CA ILE B 251 -9.17 5.77 23.64
C ILE B 251 -10.61 5.32 23.80
N GLY B 252 -10.84 4.02 23.78
CA GLY B 252 -12.14 3.44 24.03
C GLY B 252 -12.25 2.88 25.43
N LYS B 253 -13.23 1.99 25.63
CA LYS B 253 -13.38 1.32 26.91
C LYS B 253 -12.31 0.25 27.04
N GLY B 254 -11.60 0.25 28.16
CA GLY B 254 -10.49 -0.63 28.35
C GLY B 254 -9.24 0.11 28.78
N SER B 255 -8.21 0.09 27.94
CA SER B 255 -6.93 0.74 28.24
C SER B 255 -6.36 0.28 29.58
N ASP B 264 -6.83 1.12 23.02
CA ASP B 264 -6.50 2.53 23.21
C ASP B 264 -5.25 2.90 22.43
N GLU B 265 -4.73 1.95 21.66
CA GLU B 265 -3.55 2.15 20.85
C GLU B 265 -3.86 2.72 19.48
N LYS B 266 -4.99 3.40 19.33
CA LYS B 266 -5.42 3.88 18.02
C LYS B 266 -5.09 5.35 17.86
N TYR B 267 -4.83 5.76 16.62
CA TYR B 267 -4.44 7.11 16.29
C TYR B 267 -5.27 7.60 15.13
N LEU B 268 -5.95 8.73 15.29
CA LEU B 268 -6.66 9.33 14.17
C LEU B 268 -5.69 9.60 13.03
N ILE B 269 -6.10 9.23 11.82
CA ILE B 269 -5.21 9.34 10.67
C ILE B 269 -5.01 10.80 10.31
N ALA B 270 -3.80 11.15 9.89
CA ALA B 270 -3.51 12.48 9.40
C ALA B 270 -3.70 12.61 7.91
N THR B 271 -3.87 11.49 7.21
CA THR B 271 -4.11 11.46 5.78
C THR B 271 -4.57 10.06 5.42
N SER B 272 -5.27 9.95 4.29
CA SER B 272 -5.71 8.64 3.84
C SER B 272 -4.58 7.82 3.25
N GLU B 273 -3.43 8.43 2.97
CA GLU B 273 -2.29 7.67 2.48
C GLU B 273 -1.79 6.68 3.53
N GLN B 274 -2.09 6.90 4.79
CA GLN B 274 -1.60 6.02 5.83
C GLN B 274 -2.36 4.70 5.88
N PRO B 275 -3.70 4.68 5.89
CA PRO B 275 -4.37 3.38 5.86
C PRO B 275 -4.26 2.68 4.53
N ILE B 276 -4.23 3.42 3.43
CA ILE B 276 -4.13 2.77 2.12
C ILE B 276 -2.77 2.11 1.94
N ALA B 277 -1.73 2.69 2.52
CA ALA B 277 -0.42 2.05 2.47
C ALA B 277 -0.45 0.71 3.19
N ALA B 278 -1.20 0.62 4.28
CA ALA B 278 -1.32 -0.61 5.04
C ALA B 278 -2.37 -1.55 4.47
N LEU B 279 -2.89 -1.26 3.29
CA LEU B 279 -3.91 -2.12 2.71
C LEU B 279 -3.31 -3.37 2.08
N HIS B 280 -2.17 -3.25 1.43
CA HIS B 280 -1.47 -4.39 0.86
C HIS B 280 -0.26 -4.76 1.71
N ARG B 281 -0.34 -4.52 3.00
CA ARG B 281 0.76 -4.80 3.89
C ARG B 281 1.06 -6.29 3.92
N ASP B 282 2.35 -6.63 3.82
CA ASP B 282 2.84 -7.99 3.94
C ASP B 282 2.24 -8.89 2.86
N GLU B 283 2.48 -8.52 1.61
CA GLU B 283 1.89 -9.22 0.49
C GLU B 283 2.92 -9.38 -0.62
N TRP B 284 2.66 -10.34 -1.48
CA TRP B 284 3.48 -10.60 -2.65
C TRP B 284 2.62 -10.22 -3.85
N LEU B 285 2.83 -9.06 -4.39
CA LEU B 285 1.92 -8.58 -5.45
C LEU B 285 2.34 -9.09 -6.81
N ARG B 286 1.39 -9.56 -7.61
CA ARG B 286 1.70 -9.98 -8.98
C ARG B 286 2.18 -8.80 -9.80
N PRO B 287 3.23 -8.95 -10.61
CA PRO B 287 3.75 -7.86 -11.37
C PRO B 287 2.69 -7.38 -12.35
N GLU B 288 1.91 -8.31 -12.89
CA GLU B 288 0.77 -7.90 -13.75
C GLU B 288 -0.26 -7.30 -12.78
N ASP B 289 -0.84 -6.14 -13.10
CA ASP B 289 -1.78 -5.45 -12.17
C ASP B 289 -0.98 -4.69 -11.11
N LEU B 290 0.35 -4.58 -11.28
CA LEU B 290 1.21 -3.89 -10.27
C LEU B 290 0.82 -2.41 -10.16
N PRO B 291 0.48 -1.67 -11.23
CA PRO B 291 0.21 -0.24 -11.07
C PRO B 291 -1.20 -0.12 -10.50
N ILE B 292 -1.35 -0.44 -9.21
CA ILE B 292 -2.67 -0.30 -8.55
C ILE B 292 -2.84 1.17 -8.17
N LYS B 293 -3.96 1.77 -8.55
CA LYS B 293 -4.19 3.21 -8.27
C LYS B 293 -5.38 3.33 -7.33
N TYR B 294 -5.23 4.06 -6.23
CA TYR B 294 -6.32 4.20 -5.24
C TYR B 294 -6.65 5.68 -5.02
N ALA B 295 -7.94 6.01 -5.10
CA ALA B 295 -8.38 7.38 -4.81
C ALA B 295 -8.96 7.40 -3.41
N GLY B 296 -8.14 7.69 -2.42
CA GLY B 296 -8.56 7.65 -1.04
C GLY B 296 -9.46 8.80 -0.69
N LEU B 297 -10.45 8.54 0.15
CA LEU B 297 -11.40 9.55 0.58
C LEU B 297 -11.60 9.38 2.08
N SER B 298 -11.27 10.39 2.86
CA SER B 298 -11.43 10.30 4.30
C SER B 298 -11.40 11.70 4.89
N THR B 299 -11.62 11.76 6.19
CA THR B 299 -11.44 12.98 6.96
C THR B 299 -10.09 12.88 7.65
N CYS B 300 -9.31 13.95 7.57
CA CYS B 300 -7.97 13.99 8.12
C CYS B 300 -7.97 14.82 9.38
N PHE B 301 -7.16 14.43 10.36
CA PHE B 301 -7.11 15.09 11.66
C PHE B 301 -5.68 15.46 11.95
N ARG B 302 -5.35 16.75 11.81
CA ARG B 302 -4.03 17.25 12.09
C ARG B 302 -4.06 18.16 13.30
N GLN B 303 -3.08 18.00 14.16
CA GLN B 303 -3.04 18.71 15.43
C GLN B 303 -2.31 20.04 15.35
N GLU B 304 -1.47 20.24 14.35
CA GLU B 304 -0.68 21.46 14.22
C GLU B 304 -1.45 22.46 13.38
N VAL B 305 -1.88 23.55 14.00
CA VAL B 305 -2.53 24.65 13.29
C VAL B 305 -1.94 25.96 13.79
N GLY B 306 -0.95 26.49 13.08
CA GLY B 306 -0.31 27.75 13.44
C GLY B 306 -0.71 28.83 12.45
N SER B 307 -1.01 30.02 12.96
CA SER B 307 -1.52 31.12 12.14
C SER B 307 -0.39 32.10 11.85
N HIS B 308 0.02 32.16 10.59
CA HIS B 308 0.97 33.16 10.14
C HIS B 308 0.24 34.30 9.43
N GLY B 309 -0.52 35.04 10.22
CA GLY B 309 -1.24 36.18 9.72
C GLY B 309 -2.73 35.90 9.63
N ARG B 310 -3.45 36.88 9.06
CA ARG B 310 -4.89 36.76 8.98
C ARG B 310 -5.32 35.82 7.86
N ASP B 311 -4.67 35.91 6.71
CA ASP B 311 -5.07 35.11 5.57
C ASP B 311 -4.76 33.65 5.71
N THR B 312 -4.28 33.17 6.86
CA THR B 312 -4.17 31.74 7.10
C THR B 312 -5.23 31.26 8.08
N ARG B 313 -6.16 32.12 8.46
CA ARG B 313 -7.25 31.77 9.35
C ARG B 313 -8.48 31.43 8.52
N GLY B 314 -9.63 31.29 9.16
CA GLY B 314 -10.82 30.85 8.46
C GLY B 314 -10.86 29.35 8.43
N ILE B 315 -11.04 28.78 7.26
CA ILE B 315 -10.99 27.34 7.10
C ILE B 315 -9.70 26.91 6.39
N PHE B 316 -8.66 27.72 6.44
CA PHE B 316 -7.47 27.35 5.68
C PHE B 316 -6.62 26.33 6.44
N ARG B 317 -6.30 26.60 7.70
CA ARG B 317 -5.58 25.65 8.54
C ARG B 317 -6.50 25.27 9.69
N VAL B 318 -7.04 24.06 9.63
CA VAL B 318 -8.01 23.57 10.60
C VAL B 318 -7.54 22.21 11.08
N HIS B 319 -8.22 21.70 12.11
CA HIS B 319 -7.86 20.41 12.66
C HIS B 319 -8.50 19.26 11.91
N GLN B 320 -9.60 19.50 11.22
CA GLN B 320 -10.37 18.43 10.61
C GLN B 320 -10.83 18.88 9.24
N PHE B 321 -10.66 18.02 8.25
CA PHE B 321 -11.01 18.36 6.88
C PHE B 321 -11.02 17.09 6.05
N GLU B 322 -11.78 17.12 4.97
CA GLU B 322 -11.83 16.01 4.04
C GLU B 322 -10.79 16.19 2.95
N LYS B 323 -10.17 15.09 2.56
CA LYS B 323 -9.11 15.12 1.57
C LYS B 323 -9.28 13.95 0.62
N ILE B 324 -9.05 14.19 -0.67
CA ILE B 324 -9.03 13.14 -1.66
C ILE B 324 -7.59 12.95 -2.11
N GLU B 325 -7.12 11.73 -2.03
CA GLU B 325 -5.71 11.41 -2.17
C GLU B 325 -5.52 10.47 -3.35
N GLN B 326 -4.41 10.63 -4.05
CA GLN B 326 -3.97 9.62 -5.01
C GLN B 326 -2.95 8.73 -4.34
N PHE B 327 -3.04 7.43 -4.60
CA PHE B 327 -2.07 6.49 -4.08
C PHE B 327 -1.81 5.42 -5.11
N VAL B 328 -0.55 5.20 -5.45
CA VAL B 328 -0.19 4.26 -6.52
C VAL B 328 0.90 3.33 -6.02
N TYR B 329 0.72 2.03 -6.19
CA TYR B 329 1.78 1.05 -5.92
C TYR B 329 2.34 0.76 -7.30
N SER B 330 3.65 0.85 -7.49
CA SER B 330 4.22 0.75 -8.85
C SER B 330 5.33 -0.28 -8.95
N SER B 331 5.65 -0.69 -10.16
CA SER B 331 6.81 -1.57 -10.40
C SER B 331 8.07 -0.78 -10.09
N PRO B 332 9.06 -1.39 -9.45
CA PRO B 332 10.34 -0.76 -9.15
C PRO B 332 11.34 -0.76 -10.29
N HIS B 333 10.93 -1.15 -11.49
CA HIS B 333 11.86 -1.34 -12.59
C HIS B 333 11.52 -0.41 -13.75
N ASP B 334 12.53 -0.19 -14.59
CA ASP B 334 12.34 0.45 -15.89
C ASP B 334 11.84 1.88 -15.77
N ASN B 335 12.21 2.57 -14.70
CA ASN B 335 11.85 3.97 -14.51
C ASN B 335 10.34 4.16 -14.48
N LYS B 336 9.61 3.14 -14.08
CA LYS B 336 8.15 3.19 -14.17
C LYS B 336 7.56 4.08 -13.09
N SER B 337 8.14 4.08 -11.88
CA SER B 337 7.60 4.92 -10.83
C SER B 337 7.80 6.39 -11.12
N TRP B 338 8.82 6.76 -11.88
CA TRP B 338 9.00 8.18 -12.19
C TRP B 338 8.07 8.65 -13.29
N GLU B 339 7.78 7.79 -14.26
CA GLU B 339 6.71 8.09 -15.19
C GLU B 339 5.37 8.21 -14.47
N MET B 340 5.13 7.34 -13.50
CA MET B 340 3.91 7.42 -12.71
C MET B 340 3.87 8.72 -11.92
N PHE B 341 5.01 9.16 -11.40
CA PHE B 341 5.10 10.42 -10.68
C PHE B 341 4.66 11.58 -11.56
N GLU B 342 5.19 11.64 -12.78
CA GLU B 342 4.78 12.67 -13.71
C GLU B 342 3.28 12.58 -14.02
N GLU B 343 2.77 11.35 -14.16
CA GLU B 343 1.35 11.19 -14.47
C GLU B 343 0.47 11.68 -13.33
N MET B 344 0.88 11.47 -12.08
CA MET B 344 0.07 11.89 -10.94
C MET B 344 0.06 13.41 -10.82
N ILE B 345 1.23 14.04 -10.97
CA ILE B 345 1.21 15.50 -10.91
C ILE B 345 0.42 16.07 -12.08
N THR B 346 0.42 15.39 -13.23
CA THR B 346 -0.37 15.87 -14.36
C THR B 346 -1.86 15.74 -14.08
N THR B 347 -2.27 14.67 -13.41
CA THR B 347 -3.67 14.52 -13.05
C THR B 347 -4.13 15.66 -12.15
N ALA B 348 -3.35 15.99 -11.13
CA ALA B 348 -3.73 17.11 -10.27
C ALA B 348 -3.73 18.44 -11.02
N GLU B 349 -2.74 18.64 -11.89
CA GLU B 349 -2.70 19.86 -12.69
C GLU B 349 -3.95 20.01 -13.53
N GLU B 350 -4.35 18.96 -14.22
CA GLU B 350 -5.52 19.04 -15.08
C GLU B 350 -6.79 19.25 -14.26
N PHE B 351 -6.85 18.66 -13.06
CA PHE B 351 -7.95 18.94 -12.15
C PHE B 351 -8.09 20.44 -11.90
N TYR B 352 -7.00 21.06 -11.46
CA TYR B 352 -7.09 22.48 -11.12
C TYR B 352 -7.19 23.38 -12.34
N GLN B 353 -6.80 22.90 -13.51
CA GLN B 353 -7.02 23.69 -14.71
C GLN B 353 -8.48 23.64 -15.15
N SER B 354 -9.13 22.49 -15.01
CA SER B 354 -10.56 22.43 -15.27
C SER B 354 -11.34 23.25 -14.25
N LEU B 355 -10.85 23.33 -13.02
CA LEU B 355 -11.48 24.25 -12.06
C LEU B 355 -11.14 25.71 -12.32
N GLY B 356 -10.20 26.00 -13.22
CA GLY B 356 -9.89 27.37 -13.56
C GLY B 356 -9.13 28.14 -12.50
N ILE B 357 -8.20 27.50 -11.82
CA ILE B 357 -7.44 28.10 -10.73
C ILE B 357 -5.98 28.23 -11.17
N PRO B 358 -5.38 29.42 -11.08
CA PRO B 358 -3.98 29.56 -11.48
C PRO B 358 -3.01 29.06 -10.42
N TYR B 359 -1.88 28.56 -10.88
CA TYR B 359 -0.93 27.91 -9.99
C TYR B 359 0.43 27.90 -10.65
N HIS B 360 1.45 27.63 -9.84
CA HIS B 360 2.74 27.19 -10.38
C HIS B 360 3.19 25.93 -9.65
N ILE B 361 4.04 25.17 -10.33
CA ILE B 361 4.60 23.93 -9.82
C ILE B 361 5.98 24.22 -9.28
N VAL B 362 6.27 23.79 -8.05
CA VAL B 362 7.56 24.03 -7.44
C VAL B 362 8.21 22.70 -7.07
N ASN B 363 9.51 22.62 -7.31
CA ASN B 363 10.32 21.49 -6.88
C ASN B 363 10.93 21.82 -5.52
N ILE B 364 10.61 21.01 -4.51
CA ILE B 364 11.01 21.32 -3.15
C ILE B 364 12.50 21.02 -2.96
N VAL B 365 13.14 21.79 -2.08
CA VAL B 365 14.58 21.66 -1.87
C VAL B 365 14.88 20.48 -0.96
N SER B 366 16.14 20.05 -1.00
CA SER B 366 16.57 18.84 -0.29
C SER B 366 16.24 18.90 1.19
N GLY B 367 16.49 20.04 1.82
CA GLY B 367 16.29 20.13 3.25
C GLY B 367 14.86 20.09 3.71
N SER B 368 13.90 20.17 2.78
CA SER B 368 12.49 20.19 3.14
C SER B 368 11.77 18.89 2.88
N LEU B 369 12.34 17.97 2.10
CA LEU B 369 11.73 16.66 1.94
C LEU B 369 11.74 15.91 3.26
N ASN B 370 10.70 15.12 3.50
CA ASN B 370 10.73 14.22 4.63
C ASN B 370 11.59 13.01 4.30
N HIS B 371 11.68 12.07 5.24
CA HIS B 371 12.67 11.01 5.11
C HIS B 371 12.33 10.05 3.98
N ALA B 372 11.06 9.84 3.70
CA ALA B 372 10.68 8.84 2.72
C ALA B 372 10.82 9.34 1.29
N ALA B 373 10.70 10.65 1.08
CA ALA B 373 10.61 11.19 -0.27
C ALA B 373 11.97 11.21 -0.95
N SER B 374 12.00 10.79 -2.20
CA SER B 374 13.13 11.02 -3.08
C SER B 374 12.98 12.32 -3.86
N LYS B 375 11.75 12.75 -4.07
CA LYS B 375 11.44 13.98 -4.76
C LYS B 375 10.04 14.38 -4.34
N LYS B 376 9.78 15.68 -4.35
CA LYS B 376 8.45 16.16 -4.05
C LYS B 376 8.14 17.38 -4.89
N LEU B 377 7.01 17.33 -5.58
CA LEU B 377 6.47 18.48 -6.29
C LEU B 377 5.29 19.03 -5.53
N ASP B 378 5.10 20.33 -5.60
CA ASP B 378 3.96 20.99 -4.98
C ASP B 378 3.25 21.85 -5.99
N LEU B 379 1.93 21.79 -5.98
CA LEU B 379 1.12 22.75 -6.72
C LEU B 379 0.73 23.86 -5.77
N GLU B 380 1.12 25.08 -6.08
CA GLU B 380 0.84 26.25 -5.26
C GLU B 380 -0.11 27.15 -6.03
N ALA B 381 -1.31 27.30 -5.50
CA ALA B 381 -2.34 28.09 -6.16
C ALA B 381 -2.23 29.56 -5.78
N TRP B 382 -2.51 30.42 -6.74
CA TRP B 382 -2.47 31.86 -6.51
C TRP B 382 -3.77 32.31 -5.87
N PHE B 383 -3.68 32.95 -4.72
CA PHE B 383 -4.84 33.48 -4.02
C PHE B 383 -4.94 34.97 -4.30
N PRO B 384 -5.83 35.42 -5.17
CA PRO B 384 -5.80 36.83 -5.57
C PRO B 384 -6.28 37.78 -4.50
N GLY B 385 -7.13 37.32 -3.57
CA GLY B 385 -7.56 38.20 -2.51
C GLY B 385 -6.58 38.30 -1.37
N SER B 386 -5.71 37.32 -1.22
CA SER B 386 -4.64 37.36 -0.23
C SER B 386 -3.32 37.83 -0.81
N GLY B 387 -3.15 37.75 -2.12
CA GLY B 387 -1.90 38.15 -2.74
C GLY B 387 -0.75 37.19 -2.51
N ALA B 388 -1.04 35.90 -2.44
CA ALA B 388 -0.03 34.93 -2.04
C ALA B 388 -0.18 33.66 -2.86
N PHE B 389 0.81 32.79 -2.72
CA PHE B 389 0.78 31.43 -3.24
C PHE B 389 0.61 30.49 -2.07
N ARG B 390 -0.33 29.57 -2.18
CA ARG B 390 -0.60 28.61 -1.12
C ARG B 390 -0.62 27.21 -1.72
N GLU B 391 0.00 26.28 -1.03
CA GLU B 391 0.17 24.94 -1.55
C GLU B 391 -1.12 24.15 -1.42
N LEU B 392 -1.61 23.63 -2.54
CA LEU B 392 -2.82 22.81 -2.56
C LEU B 392 -2.52 21.33 -2.74
N VAL B 393 -1.60 20.98 -3.61
CA VAL B 393 -1.26 19.60 -3.93
C VAL B 393 0.17 19.34 -3.52
N SER B 394 0.45 18.13 -3.07
CA SER B 394 1.80 17.70 -2.72
C SER B 394 2.01 16.30 -3.25
N CYS B 395 2.87 16.15 -4.25
CA CYS B 395 3.09 14.87 -4.92
C CYS B 395 4.48 14.37 -4.60
N SER B 396 4.57 13.17 -4.02
CA SER B 396 5.83 12.60 -3.58
C SER B 396 6.07 11.25 -4.24
N ASN B 397 7.34 10.92 -4.45
CA ASN B 397 7.69 9.55 -4.92
C ASN B 397 8.60 8.97 -3.83
N CYS B 398 8.10 8.04 -3.02
CA CYS B 398 8.89 7.52 -1.86
C CYS B 398 9.61 6.22 -2.22
N THR B 399 9.57 5.81 -3.48
CA THR B 399 10.29 4.58 -3.94
C THR B 399 9.95 3.40 -3.02
N ASP B 400 10.95 2.61 -2.63
CA ASP B 400 10.68 1.38 -1.82
C ASP B 400 10.95 1.64 -0.34
N TYR B 401 11.13 2.89 0.05
CA TYR B 401 11.47 3.23 1.45
C TYR B 401 10.37 2.69 2.37
N GLN B 402 9.11 2.83 1.95
CA GLN B 402 7.97 2.40 2.81
C GLN B 402 7.61 0.94 2.49
N ALA B 403 7.66 0.54 1.21
CA ALA B 403 7.30 -0.83 0.90
C ALA B 403 8.20 -1.83 1.61
N ARG B 404 9.47 -1.49 1.79
CA ARG B 404 10.36 -2.38 2.51
C ARG B 404 9.94 -2.50 3.97
N ARG B 405 9.51 -1.39 4.56
CA ARG B 405 9.04 -1.43 5.93
C ARG B 405 7.75 -2.23 6.05
N LEU B 406 6.84 -2.07 5.09
CA LEU B 406 5.58 -2.78 5.09
C LEU B 406 5.66 -4.16 4.48
N ARG B 407 6.78 -4.51 3.85
CA ARG B 407 7.01 -5.82 3.26
C ARG B 407 6.00 -6.10 2.15
N ILE B 408 5.98 -5.24 1.16
CA ILE B 408 5.12 -5.37 0.00
C ILE B 408 6.02 -5.73 -1.16
N ARG B 409 6.08 -7.02 -1.48
CA ARG B 409 7.05 -7.55 -2.43
C ARG B 409 6.56 -7.38 -3.86
N TYR B 410 7.46 -7.31 -4.79
CA TYR B 410 7.07 -7.03 -6.19
C TYR B 410 6.61 -8.26 -6.96
N GLY B 411 7.18 -9.42 -6.76
CA GLY B 411 6.69 -10.60 -7.43
C GLY B 411 6.02 -11.55 -6.46
N GLN B 412 5.37 -12.56 -7.02
CA GLN B 412 4.73 -13.58 -6.21
C GLN B 412 5.67 -14.68 -5.77
N THR B 413 6.77 -14.88 -6.49
CA THR B 413 7.72 -15.93 -6.20
C THR B 413 9.06 -15.33 -5.83
N LYS B 414 9.70 -15.91 -4.83
CA LYS B 414 11.06 -15.54 -4.47
C LYS B 414 12.05 -16.36 -5.29
N LYS B 415 13.11 -15.71 -5.75
CA LYS B 415 14.09 -16.37 -6.59
C LYS B 415 15.00 -17.26 -5.75
N MET B 416 15.80 -18.10 -6.40
CA MET B 416 16.74 -19.00 -5.71
C MET B 416 17.76 -18.21 -4.90
N MET B 417 18.48 -17.28 -5.53
CA MET B 417 19.58 -16.60 -4.87
C MET B 417 19.35 -15.11 -4.69
N ASP B 418 18.68 -14.46 -5.64
CA ASP B 418 18.49 -13.02 -5.56
C ASP B 418 17.69 -12.64 -4.33
N LYS B 419 17.84 -11.39 -3.93
CA LYS B 419 17.08 -10.86 -2.80
C LYS B 419 15.72 -10.37 -3.28
N VAL B 420 14.81 -10.26 -2.33
CA VAL B 420 13.46 -9.83 -2.62
C VAL B 420 13.44 -8.36 -3.01
N GLU B 421 12.68 -8.05 -4.05
CA GLU B 421 12.48 -6.69 -4.54
C GLU B 421 11.14 -6.16 -4.06
N PHE B 422 11.07 -4.87 -3.77
CA PHE B 422 9.86 -4.25 -3.25
C PHE B 422 9.28 -3.26 -4.23
N VAL B 423 8.00 -3.02 -4.10
CA VAL B 423 7.27 -2.10 -4.99
C VAL B 423 7.55 -0.66 -4.63
N HIS B 424 7.40 0.25 -5.55
CA HIS B 424 7.47 1.67 -5.21
C HIS B 424 6.07 2.19 -4.90
N MET B 425 6.01 3.18 -4.03
CA MET B 425 4.74 3.73 -3.56
C MET B 425 4.77 5.24 -3.70
N LEU B 426 3.84 5.78 -4.46
CA LEU B 426 3.73 7.20 -4.69
C LEU B 426 2.40 7.68 -4.12
N ASN B 427 2.38 8.94 -3.66
CA ASN B 427 1.14 9.53 -3.22
C ASN B 427 1.12 10.99 -3.62
N ALA B 428 -0.09 11.52 -3.75
CA ALA B 428 -0.28 12.89 -4.18
C ALA B 428 -1.68 13.33 -3.79
N THR B 429 -1.77 14.46 -3.10
CA THR B 429 -3.07 15.01 -2.78
C THR B 429 -3.80 15.40 -4.06
N MET B 430 -5.04 15.00 -4.18
CA MET B 430 -5.83 15.47 -5.31
C MET B 430 -6.60 16.74 -4.95
N CYS B 431 -7.23 16.76 -3.78
CA CYS B 431 -8.06 17.89 -3.39
C CYS B 431 -8.28 17.85 -1.89
N ALA B 432 -7.76 18.84 -1.18
CA ALA B 432 -8.18 19.10 0.19
C ALA B 432 -9.32 20.11 0.13
N THR B 433 -10.46 19.74 0.70
CA THR B 433 -11.70 20.45 0.38
C THR B 433 -11.70 21.88 0.91
N THR B 434 -11.22 22.10 2.13
CA THR B 434 -11.25 23.44 2.70
C THR B 434 -10.35 24.38 1.91
N ARG B 435 -9.12 23.97 1.63
CA ARG B 435 -8.20 24.83 0.90
C ARG B 435 -8.65 25.09 -0.51
N THR B 436 -9.21 24.07 -1.17
CA THR B 436 -9.72 24.28 -2.52
C THR B 436 -10.95 25.18 -2.52
N ILE B 437 -11.78 25.08 -1.49
CA ILE B 437 -12.90 26.00 -1.36
C ILE B 437 -12.40 27.42 -1.20
N CYS B 438 -11.35 27.61 -0.39
CA CYS B 438 -10.77 28.94 -0.25
C CYS B 438 -10.26 29.47 -1.57
N ALA B 439 -9.59 28.63 -2.35
CA ALA B 439 -9.08 29.05 -3.66
C ALA B 439 -10.22 29.40 -4.62
N ILE B 440 -11.27 28.59 -4.63
CA ILE B 440 -12.41 28.87 -5.51
C ILE B 440 -13.10 30.14 -5.10
N LEU B 441 -13.27 30.36 -3.80
CA LEU B 441 -13.93 31.57 -3.33
C LEU B 441 -13.13 32.80 -3.71
N GLU B 442 -11.82 32.76 -3.51
CA GLU B 442 -11.00 33.93 -3.83
C GLU B 442 -10.91 34.17 -5.32
N ASN B 443 -10.95 33.13 -6.14
CA ASN B 443 -10.75 33.32 -7.56
C ASN B 443 -12.03 33.57 -8.33
N TYR B 444 -13.19 33.30 -7.75
CA TYR B 444 -14.45 33.44 -8.46
C TYR B 444 -15.34 34.51 -7.87
N GLN B 445 -14.83 35.30 -6.92
CA GLN B 445 -15.63 36.36 -6.33
C GLN B 445 -15.94 37.44 -7.35
N THR B 446 -17.19 37.89 -7.35
CA THR B 446 -17.60 39.08 -8.05
C THR B 446 -18.15 40.05 -7.00
N GLU B 447 -18.75 41.14 -7.46
CA GLU B 447 -19.27 42.11 -6.50
C GLU B 447 -20.57 41.65 -5.87
N LYS B 448 -21.27 40.71 -6.48
CA LYS B 448 -22.55 40.24 -5.97
C LYS B 448 -22.51 38.85 -5.34
N GLY B 449 -21.45 38.09 -5.56
CA GLY B 449 -21.35 36.77 -4.96
C GLY B 449 -20.20 36.00 -5.56
N ILE B 450 -20.26 34.68 -5.41
CA ILE B 450 -19.25 33.77 -5.93
C ILE B 450 -19.80 33.09 -7.17
N THR B 451 -19.13 33.27 -8.29
CA THR B 451 -19.50 32.54 -9.50
C THR B 451 -19.15 31.07 -9.34
N VAL B 452 -20.06 30.21 -9.75
CA VAL B 452 -19.81 28.76 -9.60
C VAL B 452 -18.96 28.29 -10.77
N PRO B 453 -17.90 27.53 -10.51
CA PRO B 453 -17.10 27.01 -11.62
C PRO B 453 -17.91 26.07 -12.51
N GLU B 454 -17.65 26.15 -13.81
CA GLU B 454 -18.46 25.43 -14.78
C GLU B 454 -18.44 23.92 -14.57
N LYS B 455 -17.35 23.39 -14.03
CA LYS B 455 -17.25 21.96 -13.83
C LYS B 455 -17.96 21.49 -12.58
N LEU B 456 -18.44 22.39 -11.74
CA LEU B 456 -19.13 22.01 -10.52
C LEU B 456 -20.63 22.23 -10.59
N LYS B 457 -21.14 22.76 -11.70
CA LYS B 457 -22.57 23.04 -11.78
C LYS B 457 -23.41 21.78 -11.89
N GLU B 458 -22.85 20.69 -12.39
CA GLU B 458 -23.58 19.43 -12.38
C GLU B 458 -23.97 19.01 -10.98
N PHE B 459 -23.07 19.23 -10.02
CA PHE B 459 -23.21 18.70 -8.69
C PHE B 459 -23.76 19.72 -7.70
N MET B 460 -24.25 20.79 -8.15
CA MET B 460 -24.85 21.72 -7.23
C MET B 460 -26.36 21.64 -7.30
N PRO B 461 -27.05 21.94 -6.20
CA PRO B 461 -28.51 21.94 -6.23
C PRO B 461 -29.03 22.99 -7.18
N PRO B 462 -30.27 22.86 -7.63
CA PRO B 462 -30.88 23.95 -8.39
C PRO B 462 -31.01 25.20 -7.53
N GLY B 463 -30.74 26.34 -8.14
CA GLY B 463 -30.65 27.59 -7.43
C GLY B 463 -29.25 27.98 -7.03
N LEU B 464 -28.35 27.01 -6.93
CA LEU B 464 -26.94 27.25 -6.63
C LEU B 464 -26.05 26.87 -7.79
N GLN B 465 -26.54 26.99 -9.01
CA GLN B 465 -25.79 26.58 -10.18
C GLN B 465 -25.23 27.74 -10.98
N GLU B 466 -25.54 28.96 -10.62
CA GLU B 466 -24.97 30.12 -11.29
C GLU B 466 -24.19 31.03 -10.37
N LEU B 467 -24.66 31.23 -9.15
CA LEU B 467 -24.04 32.18 -8.25
C LEU B 467 -24.34 31.79 -6.82
N ILE B 468 -23.36 31.99 -5.95
CA ILE B 468 -23.56 31.91 -4.51
C ILE B 468 -23.63 33.33 -3.99
N PRO B 469 -24.79 33.83 -3.64
CA PRO B 469 -24.93 35.26 -3.35
C PRO B 469 -24.33 35.65 -2.01
N PHE B 470 -23.86 36.89 -1.93
CA PHE B 470 -23.45 37.48 -0.68
C PHE B 470 -24.69 37.83 0.13
N VAL B 471 -24.75 37.37 1.38
CA VAL B 471 -25.89 37.65 2.24
C VAL B 471 -25.51 38.39 3.51
N LYS B 472 -24.23 38.57 3.79
CA LYS B 472 -23.78 39.29 4.96
C LYS B 472 -22.71 40.29 4.55
N PRO B 473 -22.47 41.31 5.36
CA PRO B 473 -21.38 42.25 5.07
C PRO B 473 -20.03 41.67 5.46
N ALA B 474 -18.98 42.28 4.93
CA ALA B 474 -17.64 41.80 5.20
C ALA B 474 -17.26 42.07 6.65
N PRO B 475 -16.65 41.12 7.33
CA PRO B 475 -16.28 41.35 8.73
C PRO B 475 -15.23 42.43 8.91
N ILE B 476 -14.39 42.67 7.91
CA ILE B 476 -13.41 43.75 8.03
C ILE B 476 -14.09 45.11 7.91
N GLU B 477 -15.04 45.23 6.98
CA GLU B 477 -15.73 46.49 6.78
C GLU B 477 -16.75 46.75 7.89
N ASN C 153 -44.29 -3.11 20.97
CA ASN C 153 -44.05 -2.02 20.02
C ASN C 153 -45.20 -1.92 19.04
N LYS C 154 -45.88 -0.79 19.04
CA LYS C 154 -47.08 -0.65 18.24
C LYS C 154 -46.72 -0.31 16.80
N VAL C 155 -47.02 -1.21 15.89
CA VAL C 155 -46.84 -0.95 14.47
C VAL C 155 -47.96 -0.05 14.00
N GLU C 156 -47.61 1.10 13.45
CA GLU C 156 -48.58 2.13 13.11
C GLU C 156 -49.01 2.09 11.65
N ARG C 157 -48.09 1.85 10.72
CA ARG C 157 -48.49 1.77 9.33
C ARG C 157 -47.45 0.97 8.56
N ILE C 158 -47.91 0.32 7.50
CA ILE C 158 -47.08 -0.51 6.65
C ILE C 158 -46.95 0.18 5.31
N TRP C 159 -45.84 -0.03 4.64
CA TRP C 159 -45.70 0.40 3.26
C TRP C 159 -44.92 -0.65 2.49
N GLY C 160 -45.40 -0.98 1.30
CA GLY C 160 -44.71 -1.93 0.46
C GLY C 160 -45.06 -3.36 0.77
N ASP C 161 -44.24 -4.26 0.25
CA ASP C 161 -44.38 -5.69 0.47
C ASP C 161 -43.32 -6.14 1.45
N CYS C 162 -43.72 -6.38 2.70
CA CYS C 162 -42.79 -6.71 3.77
C CYS C 162 -42.75 -8.21 4.05
N THR C 163 -43.06 -9.03 3.04
CA THR C 163 -43.01 -10.47 3.17
C THR C 163 -42.18 -11.15 2.10
N VAL C 164 -41.89 -10.49 0.98
CA VAL C 164 -41.10 -11.11 -0.07
C VAL C 164 -39.72 -11.46 0.44
N ARG C 165 -39.14 -12.52 -0.11
CA ARG C 165 -37.82 -12.95 0.28
C ARG C 165 -36.96 -13.22 -0.94
N LYS C 166 -35.68 -12.91 -0.84
CA LYS C 166 -34.74 -12.98 -1.93
C LYS C 166 -33.50 -13.76 -1.48
N LYS C 167 -32.55 -13.93 -2.39
CA LYS C 167 -31.54 -14.95 -2.20
C LYS C 167 -30.53 -14.59 -1.13
N TYR C 168 -29.78 -13.51 -1.32
CA TYR C 168 -28.64 -13.22 -0.47
C TYR C 168 -28.93 -12.13 0.54
N SER C 169 -28.22 -12.17 1.65
CA SER C 169 -28.21 -11.07 2.60
C SER C 169 -27.09 -10.11 2.26
N HIS C 170 -27.11 -8.95 2.91
CA HIS C 170 -26.13 -7.91 2.59
C HIS C 170 -24.70 -8.37 2.85
N VAL C 171 -24.52 -9.30 3.80
CA VAL C 171 -23.18 -9.76 4.15
C VAL C 171 -22.50 -10.43 2.97
N ASP C 172 -23.27 -11.07 2.11
CA ASP C 172 -22.72 -11.65 0.89
C ASP C 172 -22.72 -10.66 -0.26
N LEU C 173 -23.71 -9.78 -0.32
CA LEU C 173 -23.84 -8.88 -1.44
C LEU C 173 -22.73 -7.84 -1.46
N VAL C 174 -22.29 -7.37 -0.30
CA VAL C 174 -21.22 -6.38 -0.30
C VAL C 174 -19.92 -6.96 -0.79
N VAL C 175 -19.74 -8.27 -0.67
CA VAL C 175 -18.55 -8.92 -1.20
C VAL C 175 -18.73 -9.26 -2.67
N MET C 176 -19.93 -9.65 -3.09
CA MET C 176 -20.15 -10.01 -4.48
C MET C 176 -19.94 -8.84 -5.43
N VAL C 177 -20.21 -7.62 -4.97
CA VAL C 177 -19.97 -6.44 -5.80
C VAL C 177 -18.55 -5.91 -5.62
N ASP C 178 -17.77 -6.48 -4.71
CA ASP C 178 -16.39 -6.08 -4.46
C ASP C 178 -16.33 -4.63 -3.98
N GLY C 179 -16.99 -4.38 -2.86
CA GLY C 179 -17.01 -3.05 -2.30
C GLY C 179 -16.72 -3.05 -0.83
N PHE C 180 -16.18 -4.15 -0.32
CA PHE C 180 -15.99 -4.31 1.11
C PHE C 180 -14.68 -5.02 1.36
N GLU C 181 -13.97 -4.56 2.38
CA GLU C 181 -12.70 -5.14 2.79
C GLU C 181 -12.73 -5.22 4.31
N GLY C 182 -13.13 -6.36 4.84
CA GLY C 182 -13.26 -6.53 6.26
C GLY C 182 -12.02 -7.03 6.95
N GLU C 183 -11.30 -7.97 6.31
CA GLU C 183 -10.12 -8.54 6.95
C GLU C 183 -9.00 -7.54 7.03
N LYS C 184 -8.67 -6.89 5.91
CA LYS C 184 -7.64 -5.86 5.95
C LYS C 184 -8.08 -4.68 6.81
N GLY C 185 -9.37 -4.36 6.83
CA GLY C 185 -9.84 -3.31 7.70
C GLY C 185 -9.66 -3.64 9.17
N ALA C 186 -9.87 -4.90 9.53
CA ALA C 186 -9.62 -5.32 10.90
C ALA C 186 -8.14 -5.40 11.21
N VAL C 187 -7.29 -5.57 10.20
CA VAL C 187 -5.86 -5.47 10.45
C VAL C 187 -5.47 -4.03 10.69
N VAL C 188 -6.03 -3.10 9.93
CA VAL C 188 -5.66 -1.70 10.06
C VAL C 188 -6.31 -1.06 11.28
N ALA C 189 -7.62 -1.21 11.43
CA ALA C 189 -8.34 -0.55 12.50
C ALA C 189 -8.78 -1.46 13.63
N GLY C 190 -8.92 -2.76 13.37
CA GLY C 190 -9.27 -3.67 14.47
C GLY C 190 -10.66 -4.22 14.29
N SER C 191 -11.25 -4.77 15.35
CA SER C 191 -12.57 -5.44 15.21
C SER C 191 -13.56 -4.53 14.50
N ARG C 192 -14.17 -5.01 13.41
CA ARG C 192 -15.23 -4.24 12.70
C ARG C 192 -14.66 -3.17 11.78
N GLY C 193 -13.35 -2.86 11.85
CA GLY C 193 -12.86 -1.90 10.90
C GLY C 193 -13.09 -2.38 9.48
N TYR C 194 -13.20 -1.45 8.56
CA TYR C 194 -13.54 -1.84 7.20
C TYR C 194 -13.08 -0.78 6.23
N PHE C 195 -12.71 -1.22 5.04
CA PHE C 195 -12.57 -0.35 3.90
C PHE C 195 -13.81 -0.51 3.04
N LEU C 196 -14.31 0.59 2.52
CA LEU C 196 -15.40 0.57 1.55
C LEU C 196 -14.81 1.04 0.24
N LYS C 197 -15.06 0.30 -0.84
CA LYS C 197 -14.35 0.62 -2.06
C LYS C 197 -15.25 0.50 -3.27
N GLY C 198 -14.81 1.14 -4.35
CA GLY C 198 -15.38 0.89 -5.66
C GLY C 198 -16.80 1.41 -5.77
N VAL C 199 -17.69 0.51 -6.19
CA VAL C 199 -19.07 0.89 -6.46
C VAL C 199 -19.81 1.31 -5.22
N LEU C 200 -19.38 0.85 -4.05
CA LEU C 200 -20.10 1.17 -2.84
C LEU C 200 -19.77 2.56 -2.31
N VAL C 201 -18.59 3.09 -2.65
CA VAL C 201 -18.30 4.48 -2.34
C VAL C 201 -19.16 5.40 -3.18
N PHE C 202 -19.33 5.08 -4.45
CA PHE C 202 -20.19 5.88 -5.32
C PHE C 202 -21.63 5.83 -4.85
N LEU C 203 -22.08 4.67 -4.39
CA LEU C 203 -23.45 4.55 -3.93
C LEU C 203 -23.69 5.32 -2.63
N GLU C 204 -22.73 5.26 -1.71
CA GLU C 204 -22.85 6.06 -0.49
C GLU C 204 -22.85 7.55 -0.80
N GLN C 205 -22.02 7.99 -1.73
CA GLN C 205 -22.02 9.40 -2.09
C GLN C 205 -23.31 9.79 -2.76
N ALA C 206 -23.88 8.91 -3.59
CA ALA C 206 -25.16 9.20 -4.20
C ALA C 206 -26.25 9.32 -3.15
N LEU C 207 -26.20 8.48 -2.12
CA LEU C 207 -27.17 8.59 -1.04
C LEU C 207 -27.06 9.92 -0.32
N ILE C 208 -25.84 10.35 -0.04
CA ILE C 208 -25.65 11.62 0.63
C ILE C 208 -26.18 12.77 -0.23
N GLN C 209 -25.89 12.73 -1.53
CA GLN C 209 -26.37 13.79 -2.41
C GLN C 209 -27.89 13.83 -2.45
N TYR C 210 -28.52 12.67 -2.61
CA TYR C 210 -29.97 12.63 -2.69
C TYR C 210 -30.62 13.07 -1.39
N ALA C 211 -30.08 12.64 -0.25
CA ALA C 211 -30.64 13.05 1.02
C ALA C 211 -30.49 14.54 1.24
N LEU C 212 -29.33 15.09 0.88
CA LEU C 212 -29.10 16.51 1.09
C LEU C 212 -30.01 17.35 0.22
N ARG C 213 -30.24 16.93 -1.03
CA ARG C 213 -31.13 17.70 -1.88
C ARG C 213 -32.58 17.58 -1.42
N THR C 214 -33.00 16.38 -1.02
CA THR C 214 -34.33 16.20 -0.48
C THR C 214 -34.56 17.11 0.72
N LEU C 215 -33.62 17.14 1.67
CA LEU C 215 -33.81 17.96 2.84
C LEU C 215 -33.66 19.45 2.54
N GLY C 216 -32.79 19.82 1.60
CA GLY C 216 -32.65 21.21 1.26
C GLY C 216 -33.88 21.78 0.58
N SER C 217 -34.56 20.97 -0.23
CA SER C 217 -35.80 21.44 -0.82
C SER C 217 -36.89 21.67 0.21
N ARG C 218 -36.81 21.04 1.37
CA ARG C 218 -37.81 21.16 2.42
C ARG C 218 -37.55 22.33 3.36
N GLY C 219 -36.43 23.03 3.19
CA GLY C 219 -36.11 24.14 4.05
C GLY C 219 -35.07 23.86 5.11
N TYR C 220 -34.41 22.72 5.06
CA TYR C 220 -33.33 22.44 5.99
C TYR C 220 -32.05 23.09 5.51
N ILE C 221 -31.21 23.48 6.46
CA ILE C 221 -29.91 24.07 6.17
C ILE C 221 -28.85 23.01 6.38
N PRO C 222 -28.12 22.60 5.34
CA PRO C 222 -27.07 21.60 5.52
C PRO C 222 -26.00 22.13 6.45
N ILE C 223 -25.49 21.26 7.30
CA ILE C 223 -24.46 21.71 8.22
C ILE C 223 -23.46 20.60 8.49
N TYR C 224 -22.21 20.88 8.21
CA TYR C 224 -21.12 19.94 8.45
C TYR C 224 -20.51 20.27 9.81
N THR C 225 -20.47 19.31 10.67
CA THR C 225 -20.16 19.59 12.07
C THR C 225 -18.75 19.19 12.41
N PRO C 226 -18.22 19.67 13.53
CA PRO C 226 -16.98 19.10 14.07
C PRO C 226 -17.20 17.68 14.54
N PHE C 227 -16.15 16.87 14.44
CA PHE C 227 -16.29 15.47 14.80
C PHE C 227 -15.89 15.19 16.24
N PHE C 228 -15.25 16.11 16.92
CA PHE C 228 -15.12 15.98 18.36
C PHE C 228 -15.57 17.23 19.06
N MET C 229 -15.88 17.07 20.33
CA MET C 229 -16.58 18.06 21.13
C MET C 229 -15.93 18.11 22.50
N ARG C 230 -15.82 19.31 23.05
CA ARG C 230 -15.29 19.45 24.39
C ARG C 230 -16.21 18.79 25.40
N LYS C 231 -15.60 18.24 26.46
CA LYS C 231 -16.38 17.48 27.43
C LYS C 231 -17.39 18.36 28.15
N GLU C 232 -17.01 19.61 28.42
CA GLU C 232 -17.92 20.51 29.12
C GLU C 232 -19.20 20.76 28.34
N VAL C 233 -19.14 20.61 27.03
CA VAL C 233 -20.30 20.78 26.17
C VAL C 233 -21.01 19.45 25.94
N MET C 234 -20.25 18.37 25.81
CA MET C 234 -20.84 17.06 25.55
C MET C 234 -21.68 16.59 26.72
N GLN C 235 -21.37 17.01 27.93
CA GLN C 235 -22.17 16.61 29.09
C GLN C 235 -23.60 17.11 28.97
N GLU C 236 -23.79 18.30 28.42
CA GLU C 236 -25.11 18.89 28.34
C GLU C 236 -25.99 18.29 27.26
N VAL C 237 -25.43 17.51 26.34
CA VAL C 237 -26.24 16.90 25.28
C VAL C 237 -26.31 15.39 25.38
N ALA C 238 -25.48 14.75 26.22
CA ALA C 238 -25.45 13.31 26.31
C ALA C 238 -25.69 12.89 27.76
N GLN C 239 -25.82 11.58 27.97
CA GLN C 239 -26.01 10.99 29.28
C GLN C 239 -24.73 10.31 29.75
N LEU C 240 -24.72 9.95 31.02
CA LEU C 240 -23.52 9.29 31.61
C LEU C 240 -23.37 7.91 30.97
N SER C 241 -24.50 7.28 30.67
CA SER C 241 -24.42 5.90 30.15
C SER C 241 -23.60 5.96 28.87
N GLN C 242 -23.87 6.97 28.07
CA GLN C 242 -23.19 7.07 26.76
C GLN C 242 -21.68 7.26 26.92
N PHE C 243 -21.24 8.08 27.87
CA PHE C 243 -19.79 8.35 27.84
C PHE C 243 -18.96 7.09 28.07
N ASP C 244 -19.29 6.32 29.09
CA ASP C 244 -18.38 5.18 29.30
C ASP C 244 -18.60 4.16 28.18
N GLU C 245 -19.87 3.86 27.95
CA GLU C 245 -20.22 2.80 26.98
C GLU C 245 -19.96 3.17 25.52
N GLU C 246 -20.26 4.39 25.12
CA GLU C 246 -20.22 4.63 23.67
C GLU C 246 -19.32 5.75 23.16
N LEU C 247 -18.69 6.53 24.03
CA LEU C 247 -17.97 7.69 23.44
C LEU C 247 -16.47 7.48 23.46
N TYR C 248 -15.84 7.61 22.30
CA TYR C 248 -14.39 7.58 22.25
C TYR C 248 -13.83 8.89 22.79
N LYS C 249 -12.64 8.82 23.36
CA LYS C 249 -11.98 9.97 23.93
C LYS C 249 -10.75 10.30 23.11
N VAL C 250 -10.58 11.56 22.76
CA VAL C 250 -9.47 12.02 21.95
C VAL C 250 -8.45 12.70 22.86
N ILE C 251 -7.19 12.33 22.70
CA ILE C 251 -6.11 12.87 23.52
C ILE C 251 -5.18 13.64 22.60
N GLY C 252 -4.90 14.89 22.96
CA GLY C 252 -3.97 15.68 22.19
C GLY C 252 -2.56 15.61 22.74
N LYS C 253 -1.93 16.75 22.93
CA LYS C 253 -0.60 16.83 23.47
C LYS C 253 -0.65 17.48 24.85
N GLY C 254 0.20 16.98 25.76
CA GLY C 254 0.17 17.44 27.13
C GLY C 254 -0.97 16.89 27.95
N SER C 255 -1.75 15.98 27.40
CA SER C 255 -2.90 15.37 28.09
C SER C 255 -3.84 16.42 28.67
N ASP C 264 -7.29 18.97 27.56
CA ASP C 264 -8.06 18.85 26.32
C ASP C 264 -9.41 18.19 26.58
N GLU C 265 -9.41 16.86 26.70
CA GLU C 265 -10.59 16.08 27.06
C GLU C 265 -11.73 16.32 26.06
N LYS C 266 -11.47 15.87 24.84
CA LYS C 266 -12.47 15.89 23.78
C LYS C 266 -13.01 14.49 23.53
N TYR C 267 -14.20 14.43 22.96
CA TYR C 267 -14.87 13.17 22.64
C TYR C 267 -15.30 13.18 21.20
N LEU C 268 -15.15 12.06 20.52
CA LEU C 268 -15.71 11.91 19.19
C LEU C 268 -17.22 11.82 19.27
N ILE C 269 -17.91 12.49 18.36
CA ILE C 269 -19.36 12.56 18.42
C ILE C 269 -19.97 11.21 18.03
N ALA C 270 -21.05 10.84 18.70
CA ALA C 270 -21.80 9.65 18.34
C ALA C 270 -22.86 9.92 17.30
N THR C 271 -23.26 11.19 17.14
CA THR C 271 -24.25 11.59 16.17
C THR C 271 -24.12 13.08 15.98
N SER C 272 -24.49 13.57 14.80
CA SER C 272 -24.39 15.01 14.56
C SER C 272 -25.45 15.79 15.31
N GLU C 273 -26.43 15.13 15.91
CA GLU C 273 -27.37 15.85 16.76
C GLU C 273 -26.67 16.51 17.94
N GLN C 274 -25.58 15.92 18.41
CA GLN C 274 -24.89 16.47 19.58
C GLN C 274 -24.22 17.80 19.27
N PRO C 275 -23.45 17.97 18.20
CA PRO C 275 -22.93 19.31 17.91
C PRO C 275 -24.01 20.29 17.48
N ILE C 276 -25.04 19.85 16.76
CA ILE C 276 -26.07 20.77 16.31
C ILE C 276 -26.85 21.32 17.49
N ALA C 277 -27.08 20.49 18.51
CA ALA C 277 -27.77 20.97 19.69
C ALA C 277 -26.99 22.09 20.36
N ALA C 278 -25.67 21.98 20.41
CA ALA C 278 -24.83 22.97 21.04
C ALA C 278 -24.56 24.17 20.15
N LEU C 279 -25.15 24.22 18.96
CA LEU C 279 -24.91 25.33 18.06
C LEU C 279 -25.60 26.60 18.54
N HIS C 280 -26.69 26.47 19.29
CA HIS C 280 -27.44 27.62 19.77
C HIS C 280 -27.46 27.71 21.28
N ARG C 281 -26.49 27.11 21.96
CA ARG C 281 -26.54 27.10 23.42
C ARG C 281 -26.40 28.50 23.96
N ASP C 282 -27.15 28.78 25.02
CA ASP C 282 -27.16 30.09 25.68
C ASP C 282 -27.56 31.20 24.71
N GLU C 283 -28.74 31.04 24.13
CA GLU C 283 -29.23 32.02 23.18
C GLU C 283 -30.71 32.31 23.45
N TRP C 284 -31.14 33.46 23.00
CA TRP C 284 -32.53 33.89 23.07
C TRP C 284 -33.01 33.99 21.65
N LEU C 285 -33.75 32.98 21.22
CA LEU C 285 -34.15 32.91 19.80
C LEU C 285 -35.38 33.77 19.57
N ARG C 286 -35.51 34.32 18.38
CA ARG C 286 -36.66 35.18 18.05
C ARG C 286 -37.81 34.26 17.69
N PRO C 287 -38.99 34.45 18.23
CA PRO C 287 -40.05 33.54 17.97
C PRO C 287 -40.36 33.53 16.47
N GLU C 288 -40.08 34.61 15.77
CA GLU C 288 -40.41 34.74 14.33
C GLU C 288 -39.66 33.76 13.45
N ASP C 289 -38.45 33.40 13.81
CA ASP C 289 -37.65 32.46 13.00
C ASP C 289 -37.63 31.05 13.57
N LEU C 290 -38.53 30.67 14.47
CA LEU C 290 -38.35 29.41 15.24
C LEU C 290 -38.42 28.10 14.47
N PRO C 291 -39.21 27.82 13.43
CA PRO C 291 -39.06 26.49 12.88
C PRO C 291 -37.64 26.59 12.30
N ILE C 292 -36.58 26.37 13.10
CA ILE C 292 -35.16 26.34 12.62
C ILE C 292 -34.78 24.90 12.34
N LYS C 293 -34.61 24.55 11.09
CA LYS C 293 -34.37 23.17 10.66
C LYS C 293 -32.97 23.02 10.08
N TYR C 294 -32.23 22.03 10.55
CA TYR C 294 -30.86 21.76 10.09
C TYR C 294 -30.72 20.33 9.60
N ALA C 295 -29.97 20.10 8.55
CA ALA C 295 -29.68 18.78 8.00
C ALA C 295 -28.22 18.48 8.32
N GLY C 296 -28.00 17.82 9.44
CA GLY C 296 -26.64 17.54 9.87
C GLY C 296 -26.00 16.47 9.01
N LEU C 297 -24.74 16.71 8.65
CA LEU C 297 -23.94 15.75 7.91
C LEU C 297 -22.64 15.56 8.67
N SER C 298 -22.33 14.33 9.05
CA SER C 298 -21.12 14.10 9.82
C SER C 298 -20.78 12.62 9.78
N THR C 299 -19.64 12.29 10.37
CA THR C 299 -19.26 10.91 10.63
C THR C 299 -19.49 10.62 12.10
N CYS C 300 -20.11 9.49 12.39
CA CYS C 300 -20.44 9.11 13.75
C CYS C 300 -19.55 7.96 14.18
N PHE C 301 -19.21 7.95 15.46
CA PHE C 301 -18.32 6.96 16.03
C PHE C 301 -18.98 6.30 17.22
N ARG C 302 -19.22 5.00 17.13
CA ARG C 302 -19.81 4.23 18.22
C ARG C 302 -18.84 3.13 18.63
N GLN C 303 -18.86 2.80 19.92
CA GLN C 303 -18.04 1.70 20.41
C GLN C 303 -18.76 0.37 20.38
N GLU C 304 -20.06 0.36 20.68
CA GLU C 304 -20.82 -0.88 20.75
C GLU C 304 -21.11 -1.38 19.35
N VAL C 305 -20.53 -2.52 18.99
CA VAL C 305 -20.76 -3.16 17.70
C VAL C 305 -21.10 -4.62 17.90
N GLY C 306 -21.71 -4.95 19.03
CA GLY C 306 -21.98 -6.34 19.34
C GLY C 306 -22.87 -7.00 18.30
N SER C 307 -22.54 -8.23 17.95
CA SER C 307 -23.17 -8.94 16.84
C SER C 307 -24.23 -9.92 17.34
N HIS C 308 -25.18 -10.21 16.48
CA HIS C 308 -26.31 -11.08 16.78
C HIS C 308 -26.60 -12.01 15.63
N GLY C 309 -25.56 -12.60 15.07
CA GLY C 309 -25.68 -13.50 13.95
C GLY C 309 -24.99 -12.95 12.72
N ARG C 310 -25.01 -13.77 11.67
CA ARG C 310 -24.34 -13.37 10.44
C ARG C 310 -24.96 -12.13 9.84
N ASP C 311 -26.29 -12.05 9.82
CA ASP C 311 -26.99 -10.96 9.16
C ASP C 311 -26.76 -9.61 9.82
N THR C 312 -26.05 -9.57 10.95
CA THR C 312 -25.68 -8.31 11.57
C THR C 312 -24.21 -7.95 11.35
N ARG C 313 -23.49 -8.75 10.56
CA ARG C 313 -22.10 -8.46 10.22
C ARG C 313 -22.02 -7.59 8.99
N GLY C 314 -20.84 -7.48 8.41
CA GLY C 314 -20.68 -6.66 7.22
C GLY C 314 -20.58 -5.21 7.62
N ILE C 315 -21.27 -4.35 6.89
CA ILE C 315 -21.28 -2.93 7.19
C ILE C 315 -22.54 -2.52 7.94
N PHE C 316 -23.18 -3.46 8.63
CA PHE C 316 -24.45 -3.10 9.28
C PHE C 316 -24.21 -2.45 10.65
N ARG C 317 -23.39 -3.07 11.49
CA ARG C 317 -23.04 -2.50 12.79
C ARG C 317 -21.54 -2.29 12.80
N VAL C 318 -21.11 -1.05 12.57
CA VAL C 318 -19.70 -0.71 12.49
C VAL C 318 -19.41 0.39 13.49
N HIS C 319 -18.13 0.73 13.62
CA HIS C 319 -17.72 1.78 14.53
C HIS C 319 -17.77 3.16 13.90
N GLN C 320 -17.82 3.25 12.59
CA GLN C 320 -17.66 4.52 11.90
C GLN C 320 -18.53 4.53 10.67
N PHE C 321 -19.38 5.54 10.55
CA PHE C 321 -20.29 5.62 9.42
C PHE C 321 -20.76 7.06 9.26
N GLU C 322 -21.15 7.39 8.04
CA GLU C 322 -21.70 8.73 7.77
C GLU C 322 -23.20 8.67 8.01
N LYS C 323 -23.76 9.75 8.51
CA LYS C 323 -25.17 9.83 8.83
C LYS C 323 -25.67 11.22 8.49
N ILE C 324 -26.89 11.29 7.96
CA ILE C 324 -27.56 12.54 7.71
C ILE C 324 -28.72 12.65 8.68
N GLU C 325 -28.80 13.77 9.39
CA GLU C 325 -29.71 13.95 10.49
C GLU C 325 -30.68 15.06 10.18
N GLN C 326 -31.86 14.99 10.78
CA GLN C 326 -32.78 16.13 10.86
C GLN C 326 -32.74 16.66 12.28
N PHE C 327 -32.56 17.96 12.42
CA PHE C 327 -32.61 18.60 13.72
C PHE C 327 -33.45 19.85 13.62
N VAL C 328 -34.43 19.98 14.49
CA VAL C 328 -35.37 21.10 14.43
C VAL C 328 -35.47 21.74 15.80
N TYR C 329 -35.41 23.06 15.83
CA TYR C 329 -35.71 23.82 17.06
C TYR C 329 -37.12 24.36 16.79
N SER C 330 -38.05 24.17 17.69
CA SER C 330 -39.46 24.53 17.45
C SER C 330 -40.04 25.38 18.56
N SER C 331 -41.11 26.10 18.28
CA SER C 331 -41.83 26.84 19.32
C SER C 331 -42.40 25.84 20.30
N PRO C 332 -42.47 26.18 21.57
CA PRO C 332 -43.02 25.29 22.59
C PRO C 332 -44.52 25.45 22.79
N HIS C 333 -45.17 26.19 21.90
CA HIS C 333 -46.56 26.58 22.08
C HIS C 333 -47.43 25.99 20.99
N ASP C 334 -48.73 25.84 21.31
CA ASP C 334 -49.77 25.57 20.32
C ASP C 334 -49.60 24.23 19.62
N ASN C 335 -49.06 23.24 20.32
CA ASN C 335 -48.90 21.89 19.78
C ASN C 335 -48.05 21.86 18.52
N LYS C 336 -47.30 22.93 18.24
CA LYS C 336 -46.52 23.00 17.01
C LYS C 336 -45.38 21.99 17.01
N SER C 337 -44.86 21.65 18.19
CA SER C 337 -43.78 20.68 18.26
C SER C 337 -44.24 19.32 17.75
N TRP C 338 -45.45 18.92 18.08
CA TRP C 338 -45.92 17.61 17.66
C TRP C 338 -46.31 17.58 16.19
N GLU C 339 -46.80 18.70 15.67
CA GLU C 339 -47.00 18.79 14.23
C GLU C 339 -45.67 18.69 13.49
N MET C 340 -44.63 19.22 14.07
CA MET C 340 -43.34 19.17 13.38
C MET C 340 -42.84 17.74 13.50
N PHE C 341 -43.08 17.09 14.62
CA PHE C 341 -42.71 15.68 14.77
C PHE C 341 -43.31 14.83 13.67
N GLU C 342 -44.62 14.99 13.44
CA GLU C 342 -45.27 14.27 12.35
C GLU C 342 -44.66 14.62 11.01
N GLU C 343 -44.33 15.89 10.80
CA GLU C 343 -43.74 16.30 9.55
C GLU C 343 -42.37 15.66 9.33
N MET C 344 -41.59 15.51 10.40
CA MET C 344 -40.26 14.93 10.26
C MET C 344 -40.35 13.46 9.91
N ILE C 345 -41.22 12.72 10.59
CA ILE C 345 -41.34 11.31 10.26
C ILE C 345 -41.90 11.15 8.86
N THR C 346 -42.77 12.08 8.41
CA THR C 346 -43.27 12.00 7.06
C THR C 346 -42.18 12.27 6.02
N THR C 347 -41.27 13.19 6.33
CA THR C 347 -40.15 13.43 5.42
C THR C 347 -39.29 12.18 5.27
N ALA C 348 -38.99 11.52 6.39
CA ALA C 348 -38.23 10.28 6.31
C ALA C 348 -38.98 9.20 5.53
N GLU C 349 -40.27 9.05 5.80
CA GLU C 349 -41.07 8.07 5.09
C GLU C 349 -41.06 8.32 3.60
N GLU C 350 -41.19 9.56 3.18
CA GLU C 350 -41.20 9.85 1.76
C GLU C 350 -39.83 9.58 1.15
N PHE C 351 -38.77 9.85 1.89
CA PHE C 351 -37.43 9.48 1.42
C PHE C 351 -37.34 8.00 1.12
N TYR C 352 -37.88 7.16 2.00
CA TYR C 352 -37.76 5.73 1.79
C TYR C 352 -38.80 5.17 0.83
N GLN C 353 -39.92 5.85 0.62
CA GLN C 353 -40.85 5.44 -0.42
C GLN C 353 -40.30 5.77 -1.79
N SER C 354 -39.58 6.88 -1.92
CA SER C 354 -39.01 7.22 -3.22
C SER C 354 -37.86 6.29 -3.57
N LEU C 355 -37.22 5.69 -2.58
CA LEU C 355 -36.19 4.69 -2.85
C LEU C 355 -36.75 3.30 -3.06
N GLY C 356 -38.03 3.07 -2.77
CA GLY C 356 -38.62 1.77 -2.93
C GLY C 356 -38.26 0.76 -1.88
N ILE C 357 -38.04 1.20 -0.65
CA ILE C 357 -37.70 0.31 0.46
C ILE C 357 -38.97 0.07 1.27
N PRO C 358 -39.42 -1.17 1.43
CA PRO C 358 -40.62 -1.40 2.24
C PRO C 358 -40.32 -1.35 3.72
N TYR C 359 -41.27 -0.82 4.49
CA TYR C 359 -41.03 -0.56 5.89
C TYR C 359 -42.35 -0.61 6.65
N HIS C 360 -42.25 -0.66 7.98
CA HIS C 360 -43.35 -0.24 8.82
C HIS C 360 -42.85 0.74 9.87
N ILE C 361 -43.74 1.62 10.27
CA ILE C 361 -43.48 2.60 11.31
C ILE C 361 -43.89 1.99 12.65
N VAL C 362 -43.03 2.13 13.65
CA VAL C 362 -43.23 1.51 14.95
C VAL C 362 -43.21 2.57 16.03
N ASN C 363 -44.15 2.46 16.96
CA ASN C 363 -44.21 3.32 18.14
C ASN C 363 -43.48 2.63 19.28
N ILE C 364 -42.33 3.16 19.67
CA ILE C 364 -41.46 2.50 20.63
C ILE C 364 -42.09 2.53 22.01
N VAL C 365 -41.95 1.43 22.76
CA VAL C 365 -42.55 1.36 24.09
C VAL C 365 -41.81 2.27 25.07
N SER C 366 -42.51 2.62 26.15
CA SER C 366 -41.97 3.57 27.11
C SER C 366 -40.78 3.03 27.87
N GLY C 367 -40.64 1.71 27.96
CA GLY C 367 -39.51 1.17 28.67
C GLY C 367 -38.20 1.43 27.97
N SER C 368 -38.18 1.31 26.65
CA SER C 368 -36.97 1.54 25.87
C SER C 368 -36.92 2.94 25.27
N LEU C 369 -37.13 3.98 26.08
CA LEU C 369 -36.94 5.35 25.65
C LEU C 369 -35.75 5.94 26.38
N ASN C 370 -35.00 6.81 25.71
CA ASN C 370 -33.96 7.52 26.43
C ASN C 370 -34.60 8.60 27.29
N HIS C 371 -33.77 9.22 28.13
CA HIS C 371 -34.30 10.15 29.11
C HIS C 371 -34.94 11.37 28.48
N ALA C 372 -34.36 11.87 27.39
CA ALA C 372 -34.87 13.09 26.80
C ALA C 372 -36.16 12.86 26.05
N ALA C 373 -36.31 11.71 25.41
CA ALA C 373 -37.44 11.48 24.51
C ALA C 373 -38.75 11.42 25.27
N SER C 374 -39.75 12.11 24.76
CA SER C 374 -41.11 11.98 25.24
C SER C 374 -41.96 11.12 24.32
N LYS C 375 -41.49 10.88 23.10
CA LYS C 375 -42.08 9.91 22.18
C LYS C 375 -41.06 9.63 21.09
N LYS C 376 -41.05 8.40 20.60
CA LYS C 376 -40.12 7.99 19.57
C LYS C 376 -40.82 7.10 18.55
N LEU C 377 -40.56 7.35 17.27
CA LEU C 377 -41.04 6.52 16.19
C LEU C 377 -39.83 5.98 15.44
N ASP C 378 -39.75 4.67 15.27
CA ASP C 378 -38.73 4.08 14.43
C ASP C 378 -39.31 3.65 13.10
N LEU C 379 -38.52 3.81 12.05
CA LEU C 379 -38.83 3.27 10.73
C LEU C 379 -37.98 2.03 10.55
N GLU C 380 -38.62 0.87 10.47
CA GLU C 380 -37.91 -0.40 10.33
C GLU C 380 -38.17 -0.94 8.94
N ALA C 381 -37.10 -1.14 8.18
CA ALA C 381 -37.19 -1.59 6.81
C ALA C 381 -37.16 -3.10 6.72
N TRP C 382 -37.84 -3.63 5.72
CA TRP C 382 -37.83 -5.07 5.49
C TRP C 382 -36.59 -5.47 4.70
N PHE C 383 -35.88 -6.48 5.21
CA PHE C 383 -34.70 -7.01 4.55
C PHE C 383 -35.02 -8.36 3.96
N PRO C 384 -35.21 -8.47 2.64
CA PRO C 384 -35.72 -9.72 2.07
C PRO C 384 -34.70 -10.84 2.04
N GLY C 385 -33.41 -10.53 1.98
CA GLY C 385 -32.42 -11.57 2.04
C GLY C 385 -32.14 -12.03 3.45
N SER C 386 -32.36 -11.17 4.43
CA SER C 386 -32.20 -11.54 5.82
C SER C 386 -33.51 -12.00 6.45
N GLY C 387 -34.65 -11.62 5.87
CA GLY C 387 -35.94 -11.99 6.42
C GLY C 387 -36.30 -11.31 7.72
N ALA C 388 -35.86 -10.07 7.92
CA ALA C 388 -36.10 -9.39 9.18
C ALA C 388 -36.34 -7.91 8.94
N PHE C 389 -36.98 -7.27 9.91
CA PHE C 389 -37.10 -5.83 9.95
C PHE C 389 -35.91 -5.25 10.67
N ARG C 390 -35.29 -4.23 10.09
CA ARG C 390 -34.15 -3.57 10.69
C ARG C 390 -34.42 -2.08 10.79
N GLU C 391 -34.05 -1.49 11.92
CA GLU C 391 -34.28 -0.07 12.12
C GLU C 391 -33.36 0.77 11.25
N LEU C 392 -33.94 1.69 10.51
CA LEU C 392 -33.19 2.61 9.67
C LEU C 392 -33.32 4.06 10.07
N VAL C 393 -34.44 4.46 10.65
CA VAL C 393 -34.69 5.83 11.04
C VAL C 393 -35.23 5.83 12.45
N SER C 394 -34.80 6.81 13.24
CA SER C 394 -35.33 7.01 14.58
C SER C 394 -35.71 8.47 14.72
N CYS C 395 -36.97 8.73 15.02
CA CYS C 395 -37.49 10.09 15.16
C CYS C 395 -37.93 10.30 16.60
N SER C 396 -37.52 11.42 17.19
CA SER C 396 -37.72 11.63 18.61
C SER C 396 -38.09 13.08 18.88
N ASN C 397 -38.99 13.30 19.85
CA ASN C 397 -39.35 14.68 20.28
C ASN C 397 -38.92 14.81 21.74
N CYS C 398 -37.90 15.63 22.02
CA CYS C 398 -37.35 15.75 23.39
C CYS C 398 -37.94 16.98 24.09
N THR C 399 -38.87 17.67 23.45
CA THR C 399 -39.51 18.87 24.04
C THR C 399 -38.44 19.84 24.57
N ASP C 400 -38.51 20.24 25.83
CA ASP C 400 -37.57 21.25 26.38
C ASP C 400 -36.57 20.60 27.34
N TYR C 401 -36.40 19.29 27.27
CA TYR C 401 -35.46 18.57 28.19
C TYR C 401 -34.03 19.10 27.96
N GLN C 402 -33.58 19.12 26.71
CA GLN C 402 -32.24 19.58 26.40
C GLN C 402 -32.14 21.08 26.22
N ALA C 403 -33.25 21.74 25.85
CA ALA C 403 -33.21 23.17 25.65
C ALA C 403 -32.94 23.91 26.96
N ARG C 404 -33.48 23.41 28.06
CA ARG C 404 -33.23 24.11 29.31
C ARG C 404 -31.89 23.75 29.90
N ARG C 405 -31.33 22.60 29.57
CA ARG C 405 -29.97 22.29 29.96
C ARG C 405 -28.97 23.12 29.17
N LEU C 406 -29.25 23.38 27.92
CA LEU C 406 -28.40 24.23 27.09
C LEU C 406 -28.80 25.69 27.15
N ARG C 407 -29.92 26.01 27.80
CA ARG C 407 -30.39 27.38 27.95
C ARG C 407 -30.64 28.04 26.60
N ILE C 408 -31.47 27.39 25.79
CA ILE C 408 -31.92 27.94 24.52
C ILE C 408 -33.35 28.40 24.72
N ARG C 409 -33.54 29.71 24.74
CA ARG C 409 -34.76 30.30 25.27
C ARG C 409 -35.68 30.72 24.13
N TYR C 410 -36.98 30.69 24.34
CA TYR C 410 -37.91 30.94 23.22
C TYR C 410 -38.02 32.42 22.90
N GLY C 411 -38.40 33.24 23.82
CA GLY C 411 -38.50 34.63 23.47
C GLY C 411 -37.17 35.34 23.54
N GLN C 412 -37.12 36.50 22.88
CA GLN C 412 -35.93 37.34 22.92
C GLN C 412 -35.90 38.27 24.13
N THR C 413 -37.05 38.52 24.74
CA THR C 413 -37.17 39.38 25.91
C THR C 413 -37.76 38.58 27.05
N LYS C 414 -37.31 38.88 28.25
CA LYS C 414 -37.87 38.27 29.45
C LYS C 414 -38.86 39.23 30.08
N LYS C 415 -39.94 38.69 30.64
CA LYS C 415 -40.91 39.48 31.37
C LYS C 415 -40.50 39.60 32.82
N MET C 416 -40.83 40.73 33.43
CA MET C 416 -40.55 40.89 34.85
C MET C 416 -41.44 39.97 35.66
N MET C 417 -40.84 39.24 36.59
CA MET C 417 -41.56 38.28 37.43
C MET C 417 -42.31 37.25 36.59
N ASP C 418 -41.57 36.62 35.67
CA ASP C 418 -42.14 35.60 34.80
C ASP C 418 -41.01 34.78 34.21
N LYS C 419 -41.02 33.47 34.45
CA LYS C 419 -39.91 32.63 34.04
C LYS C 419 -39.89 32.44 32.53
N VAL C 420 -38.71 32.20 32.00
CA VAL C 420 -38.55 32.07 30.55
C VAL C 420 -39.03 30.70 30.10
N GLU C 421 -39.38 30.63 28.82
CA GLU C 421 -39.74 29.38 28.16
C GLU C 421 -38.62 28.98 27.22
N PHE C 422 -38.37 27.69 27.13
CA PHE C 422 -37.35 27.17 26.25
C PHE C 422 -37.97 26.57 25.02
N VAL C 423 -37.20 26.53 23.97
CA VAL C 423 -37.67 26.02 22.66
C VAL C 423 -37.85 24.51 22.76
N HIS C 424 -38.50 23.92 21.78
CA HIS C 424 -38.60 22.48 21.69
C HIS C 424 -37.63 21.96 20.63
N MET C 425 -37.01 20.82 20.92
CA MET C 425 -35.97 20.27 20.06
C MET C 425 -36.35 18.86 19.62
N LEU C 426 -36.26 18.61 18.33
CA LEU C 426 -36.61 17.33 17.73
C LEU C 426 -35.50 16.88 16.81
N ASN C 427 -35.21 15.59 16.82
CA ASN C 427 -34.18 15.05 15.95
C ASN C 427 -34.69 13.76 15.33
N ALA C 428 -34.26 13.51 14.10
CA ALA C 428 -34.68 12.33 13.37
C ALA C 428 -33.59 11.98 12.38
N THR C 429 -33.18 10.72 12.37
CA THR C 429 -32.25 10.25 11.36
C THR C 429 -32.91 10.33 10.00
N MET C 430 -32.17 10.84 9.02
CA MET C 430 -32.67 10.77 7.65
C MET C 430 -32.09 9.57 6.92
N CYS C 431 -30.78 9.36 7.02
CA CYS C 431 -30.12 8.29 6.29
C CYS C 431 -28.80 7.97 6.97
N ALA C 432 -28.70 6.81 7.59
CA ALA C 432 -27.41 6.24 7.96
C ALA C 432 -26.93 5.42 6.76
N THR C 433 -25.81 5.82 6.18
CA THR C 433 -25.50 5.39 4.83
C THR C 433 -25.20 3.90 4.74
N THR C 434 -24.53 3.34 5.73
CA THR C 434 -24.20 1.92 5.67
C THR C 434 -25.45 1.05 5.73
N ARG C 435 -26.34 1.34 6.66
CA ARG C 435 -27.58 0.56 6.79
C ARG C 435 -28.48 0.74 5.58
N THR C 436 -28.53 1.96 5.04
CA THR C 436 -29.36 2.17 3.86
C THR C 436 -28.77 1.49 2.65
N ILE C 437 -27.45 1.41 2.55
CA ILE C 437 -26.83 0.66 1.48
C ILE C 437 -27.16 -0.82 1.62
N CYS C 438 -27.14 -1.33 2.85
CA CYS C 438 -27.52 -2.73 3.07
C CYS C 438 -28.95 -2.98 2.64
N ALA C 439 -29.86 -2.08 2.99
CA ALA C 439 -31.26 -2.26 2.61
C ALA C 439 -31.44 -2.18 1.11
N ILE C 440 -30.72 -1.27 0.45
CA ILE C 440 -30.82 -1.15 -1.00
C ILE C 440 -30.31 -2.42 -1.68
N LEU C 441 -29.17 -2.92 -1.21
CA LEU C 441 -28.61 -4.12 -1.81
C LEU C 441 -29.54 -5.31 -1.64
N GLU C 442 -30.13 -5.46 -0.46
CA GLU C 442 -30.98 -6.61 -0.23
C GLU C 442 -32.31 -6.49 -0.97
N ASN C 443 -32.80 -5.27 -1.19
CA ASN C 443 -34.08 -5.11 -1.84
C ASN C 443 -33.99 -5.01 -3.35
N TYR C 444 -32.81 -4.75 -3.91
CA TYR C 444 -32.68 -4.55 -5.35
C TYR C 444 -31.77 -5.58 -5.99
N GLN C 445 -31.47 -6.67 -5.31
CA GLN C 445 -30.62 -7.70 -5.89
C GLN C 445 -31.36 -8.45 -6.99
N THR C 446 -30.66 -8.72 -8.07
CA THR C 446 -31.10 -9.61 -9.13
C THR C 446 -30.11 -10.75 -9.22
N GLU C 447 -30.23 -11.54 -10.30
CA GLU C 447 -29.29 -12.62 -10.54
C GLU C 447 -27.97 -12.13 -11.12
N LYS C 448 -27.97 -10.97 -11.78
CA LYS C 448 -26.76 -10.45 -12.40
C LYS C 448 -26.14 -9.29 -11.61
N GLY C 449 -26.79 -8.80 -10.58
CA GLY C 449 -26.26 -7.69 -9.81
C GLY C 449 -27.37 -6.99 -9.06
N ILE C 450 -27.09 -5.75 -8.67
CA ILE C 450 -28.04 -4.92 -7.94
C ILE C 450 -28.56 -3.85 -8.88
N THR C 451 -29.88 -3.79 -9.01
CA THR C 451 -30.51 -2.71 -9.76
C THR C 451 -30.34 -1.40 -9.01
N VAL C 452 -30.02 -0.35 -9.73
CA VAL C 452 -29.84 0.96 -9.11
C VAL C 452 -31.23 1.59 -8.90
N PRO C 453 -31.55 2.05 -7.69
CA PRO C 453 -32.83 2.72 -7.49
C PRO C 453 -33.00 3.90 -8.43
N GLU C 454 -34.23 4.11 -8.90
CA GLU C 454 -34.48 5.09 -9.93
C GLU C 454 -34.10 6.51 -9.49
N LYS C 455 -34.14 6.77 -8.18
CA LYS C 455 -33.88 8.11 -7.69
C LYS C 455 -32.40 8.40 -7.46
N LEU C 456 -31.54 7.39 -7.52
CA LEU C 456 -30.11 7.59 -7.33
C LEU C 456 -29.34 7.58 -8.64
N LYS C 457 -30.01 7.37 -9.77
CA LYS C 457 -29.29 7.23 -11.03
C LYS C 457 -28.59 8.52 -11.44
N GLU C 458 -29.22 9.67 -11.15
CA GLU C 458 -28.60 10.92 -11.53
C GLU C 458 -27.37 11.25 -10.70
N PHE C 459 -27.20 10.62 -9.55
CA PHE C 459 -26.05 10.87 -8.71
C PHE C 459 -25.01 9.78 -8.81
N MET C 460 -25.15 8.88 -9.76
CA MET C 460 -24.18 7.82 -9.95
C MET C 460 -23.30 8.11 -11.15
N PRO C 461 -22.08 7.61 -11.18
CA PRO C 461 -21.21 7.84 -12.34
C PRO C 461 -21.74 7.10 -13.55
N PRO C 462 -21.42 7.56 -14.75
CA PRO C 462 -21.75 6.80 -15.96
C PRO C 462 -21.10 5.43 -15.90
N GLY C 463 -21.85 4.41 -16.31
CA GLY C 463 -21.44 3.04 -16.18
C GLY C 463 -22.01 2.35 -14.96
N LEU C 464 -22.49 3.10 -13.98
CA LEU C 464 -23.14 2.55 -12.81
C LEU C 464 -24.56 3.07 -12.64
N GLN C 465 -25.23 3.39 -13.74
CA GLN C 465 -26.54 4.00 -13.68
C GLN C 465 -27.67 3.03 -13.98
N GLU C 466 -27.38 1.78 -14.24
CA GLU C 466 -28.46 0.83 -14.37
C GLU C 466 -28.27 -0.40 -13.50
N LEU C 467 -27.04 -0.84 -13.30
CA LEU C 467 -26.79 -2.08 -12.60
C LEU C 467 -25.42 -2.02 -11.96
N ILE C 468 -25.34 -2.51 -10.72
CA ILE C 468 -24.07 -2.76 -10.06
C ILE C 468 -23.76 -4.25 -10.24
N PRO C 469 -22.80 -4.62 -11.08
CA PRO C 469 -22.63 -6.03 -11.43
C PRO C 469 -21.94 -6.83 -10.34
N PHE C 470 -22.35 -8.09 -10.24
CA PHE C 470 -21.62 -9.05 -9.43
C PHE C 470 -20.30 -9.38 -10.10
N VAL C 471 -19.21 -9.38 -9.33
CA VAL C 471 -17.89 -9.71 -9.87
C VAL C 471 -17.17 -10.77 -9.05
N LYS C 472 -17.76 -11.23 -7.96
CA LYS C 472 -17.14 -12.25 -7.11
C LYS C 472 -18.22 -13.23 -6.69
N PRO C 473 -17.83 -14.42 -6.24
CA PRO C 473 -18.82 -15.38 -5.74
C PRO C 473 -19.18 -15.11 -4.28
N ALA C 474 -20.30 -15.70 -3.87
CA ALA C 474 -20.80 -15.48 -2.52
C ALA C 474 -20.05 -16.37 -1.53
N PRO C 475 -19.54 -15.81 -0.43
CA PRO C 475 -18.87 -16.59 0.61
C PRO C 475 -19.85 -17.35 1.52
P 4AC D 12 -5.99 -21.05 2.97
OP1 4AC D 12 -7.26 -20.74 3.73
OP2 4AC D 12 -4.82 -21.37 3.88
O5' 4AC D 12 -6.29 -22.40 2.17
C5' 4AC D 12 -7.57 -22.60 1.54
C4' 4AC D 12 -7.61 -23.99 0.98
O4' 4AC D 12 -6.48 -24.18 0.09
C3' 4AC D 12 -7.49 -25.10 2.04
O3' 4AC D 12 -8.77 -25.48 2.51
C2' 4AC D 12 -6.80 -26.22 1.24
O2' 4AC D 12 -7.70 -26.95 0.43
C1' 4AC D 12 -5.85 -25.43 0.34
N1 4AC D 12 -4.52 -25.17 0.97
C2 4AC D 12 -3.65 -26.25 1.15
O2 4AC D 12 -3.99 -27.38 0.78
N3 4AC D 12 -2.44 -26.02 1.72
C4 4AC D 12 -2.12 -24.80 2.12
N4 4AC D 12 -0.83 -24.67 2.67
C5 4AC D 12 -2.97 -23.69 1.93
C6 4AC D 12 -4.16 -23.92 1.36
C7 4AC D 12 0.33 -24.94 2.03
O7 4AC D 12 0.40 -25.75 1.13
CM7 4AC D 12 1.51 -24.12 2.45
P OMG D 17 0.90 -35.91 20.18
OP1 OMG D 17 0.40 -37.29 20.57
OP2 OMG D 17 0.07 -34.80 20.77
O5' OMG D 17 2.36 -35.79 20.89
C5' OMG D 17 2.85 -34.47 21.26
C4' OMG D 17 4.19 -34.18 20.63
O4' OMG D 17 4.86 -33.17 21.44
C3' OMG D 17 5.21 -35.32 20.59
O3' OMG D 17 6.34 -34.98 19.80
C2' OMG D 17 5.70 -35.28 22.02
O2' OMG D 17 6.93 -35.98 22.22
CM2 OMG D 17 6.97 -36.68 23.45
C1' OMG D 17 5.93 -33.78 22.12
N9 OMG D 17 5.96 -33.29 23.50
C8 OMG D 17 5.23 -33.77 24.56
N7 OMG D 17 5.47 -33.15 25.69
C5 OMG D 17 6.43 -32.20 25.34
C6 OMG D 17 7.09 -31.25 26.15
O6 OMG D 17 6.93 -31.02 27.36
N1 OMG D 17 8.00 -30.49 25.41
C2 OMG D 17 8.24 -30.64 24.07
N2 OMG D 17 9.16 -29.81 23.54
N3 OMG D 17 7.64 -31.54 23.31
C4 OMG D 17 6.74 -32.29 24.01
P H2U D 19 11.89 -33.91 14.70
OP1 H2U D 19 13.18 -33.30 14.21
OP2 H2U D 19 10.92 -32.88 15.25
O5' H2U D 19 11.17 -34.58 13.41
C5' H2U D 19 11.99 -34.83 12.24
C4' H2U D 19 11.26 -34.44 10.97
O4' H2U D 19 9.88 -34.10 11.26
C3' H2U D 19 11.79 -33.21 10.23
O3' H2U D 19 12.96 -33.52 9.49
C1' H2U D 19 9.37 -33.43 10.12
C2' H2U D 19 10.57 -32.83 9.38
O2' H2U D 19 10.66 -33.34 8.06
N1 H2U D 19 8.39 -32.38 10.55
C2 H2U D 19 8.81 -31.36 11.30
O2 H2U D 19 9.79 -31.43 12.03
N3 H2U D 19 8.06 -30.24 11.22
C4 H2U D 19 6.70 -30.30 11.19
O4 H2U D 19 6.04 -29.29 11.38
C5 H2U D 19 6.08 -31.62 10.90
C6 H2U D 19 7.01 -32.52 10.09
P M2G D 26 -2.11 -25.30 -10.83
OP1 M2G D 26 -2.90 -25.01 -12.09
OP2 M2G D 26 -0.80 -26.01 -11.11
O5' M2G D 26 -1.71 -23.86 -10.23
C5' M2G D 26 -2.67 -22.79 -10.30
C4' M2G D 26 -2.12 -21.58 -9.59
O4' M2G D 26 -1.76 -21.95 -8.22
C3' M2G D 26 -0.83 -20.98 -10.16
O3' M2G D 26 -1.17 -20.05 -11.19
C2' M2G D 26 -0.23 -20.28 -8.94
O2' M2G D 26 -0.76 -19.00 -8.72
C1' M2G D 26 -0.61 -21.25 -7.81
N9 M2G D 26 0.43 -22.21 -7.49
C8 M2G D 26 0.40 -23.57 -7.70
N7 M2G D 26 1.50 -24.16 -7.32
C5 M2G D 26 2.30 -23.14 -6.82
C6 M2G D 26 3.59 -23.19 -6.26
O6 M2G D 26 4.32 -24.18 -6.10
N1 M2G D 26 4.04 -21.92 -5.88
C2 M2G D 26 3.33 -20.76 -6.02
N2 M2G D 26 3.88 -19.58 -5.60
N3 M2G D 26 2.11 -20.73 -6.54
C4 M2G D 26 1.65 -21.93 -6.93
CM1 M2G D 26 3.05 -18.42 -5.33
CM2 M2G D 26 5.31 -19.44 -5.42
N1 JMH D 32 23.20 -28.10 -22.17
C2 JMH D 32 24.19 -28.43 -21.40
C5 JMH D 32 22.94 -26.15 -20.98
C1' JMH D 32 22.80 -28.93 -23.26
C2' JMH D 32 21.60 -29.33 -23.20
C3' JMH D 32 21.25 -29.60 -24.65
C4 JMH D 32 23.97 -26.56 -20.17
C4' JMH D 32 21.92 -28.40 -25.30
C5' JMH D 32 21.02 -27.24 -25.63
C6 JMH D 32 22.56 -26.97 -22.02
C31 JMH D 32 25.66 -28.06 -19.54
N3 JMH D 32 24.58 -27.68 -20.40
N4 JMH D 32 24.41 -25.76 -19.07
O2 JMH D 32 24.75 -29.44 -21.58
O2' JMH D 32 21.57 -30.60 -22.42
O3' JMH D 32 21.86 -30.80 -25.13
O4' JMH D 32 22.73 -27.92 -24.49
O5' JMH D 32 19.74 -27.35 -25.00
OP1 JMH D 32 19.79 -24.89 -24.73
OP2 JMH D 32 17.60 -26.17 -24.53
P JMH D 32 19.05 -26.11 -24.31
P 6IA D 37 10.86 -35.38 -25.78
OP1 6IA D 37 11.73 -36.55 -25.36
OP2 6IA D 37 9.64 -35.61 -26.64
O5' 6IA D 37 10.34 -34.64 -24.45
C5' 6IA D 37 8.96 -34.68 -24.10
C4' 6IA D 37 8.29 -33.40 -24.54
O4' 6IA D 37 8.98 -32.25 -24.01
C3' 6IA D 37 8.31 -33.33 -26.05
O3' 6IA D 37 7.00 -33.05 -26.58
C2' 6IA D 37 9.23 -32.14 -26.27
O2' 6IA D 37 8.89 -31.42 -27.45
C1' 6IA D 37 9.02 -31.27 -25.04
N9 6IA D 37 10.03 -30.18 -24.89
C8 6IA D 37 11.33 -30.30 -25.14
N7 6IA D 37 11.98 -29.13 -24.92
C5 6IA D 37 11.07 -28.24 -24.53
C6 6IA D 37 11.09 -26.82 -24.17
N6 6IA D 37 12.23 -26.13 -24.16
N1 6IA D 37 9.96 -26.24 -23.83
C2 6IA D 37 8.81 -26.94 -23.82
N3 6IA D 37 8.72 -28.23 -24.15
C4 6IA D 37 9.80 -28.92 -24.52
C12 6IA D 37 12.22 -24.70 -24.11
C13 6IA D 37 13.68 -24.24 -24.16
C14 6IA D 37 13.88 -22.73 -24.13
C15 6IA D 37 15.14 -22.37 -23.35
C16 6IA D 37 13.99 -22.15 -25.52
N1 PSU D 39 6.91 -28.29 -20.79
C2 PSU D 39 8.16 -27.86 -20.83
N3 PSU D 39 9.19 -28.62 -21.13
C4 PSU D 39 8.98 -29.88 -21.42
C5 PSU D 39 7.62 -30.40 -21.41
C6 PSU D 39 6.60 -29.54 -21.07
O2 PSU D 39 8.39 -26.66 -20.56
O4 PSU D 39 9.93 -30.62 -21.70
C1' PSU D 39 7.39 -31.81 -21.72
C2' PSU D 39 7.76 -32.57 -20.48
O2' PSU D 39 8.45 -33.73 -20.93
C3' PSU D 39 6.44 -32.95 -19.88
C4' PSU D 39 5.86 -33.31 -21.22
O3' PSU D 39 6.55 -34.09 -19.07
O4' PSU D 39 6.02 -32.10 -21.92
C5' PSU D 39 4.49 -33.99 -21.20
O5' PSU D 39 3.80 -33.80 -22.43
P PSU D 39 2.77 -32.66 -22.12
OP1 PSU D 39 2.07 -33.04 -20.84
OP2 PSU D 39 3.46 -31.32 -22.13
N1 OMU D 44 8.89 -21.97 -4.12
C2 OMU D 44 7.65 -22.27 -4.64
N3 OMU D 44 7.24 -23.48 -4.78
C4 OMU D 44 8.02 -24.44 -4.42
C5 OMU D 44 9.25 -24.23 -3.90
C6 OMU D 44 9.68 -22.94 -3.76
O2 OMU D 44 6.92 -21.39 -4.97
O4 OMU D 44 7.58 -25.55 -4.57
C1' OMU D 44 9.30 -20.59 -4.01
C2' OMU D 44 8.97 -20.00 -2.69
O2' OMU D 44 8.71 -18.68 -3.05
CM2 OMU D 44 7.57 -18.10 -2.48
C3' OMU D 44 10.26 -20.09 -1.94
C4' OMU D 44 11.28 -19.86 -2.99
O3' OMU D 44 10.37 -19.07 -0.99
O4' OMU D 44 10.70 -20.53 -4.06
C5' OMU D 44 12.64 -20.41 -2.68
O5' OMU D 44 12.54 -21.74 -2.22
P OMU D 44 13.71 -22.78 -2.09
OP1 OMU D 44 14.68 -22.26 -1.13
OP2 OMU D 44 13.00 -24.02 -1.79
P 5MC D 57 5.67 -19.80 15.15
OP1 5MC D 57 4.56 -19.39 16.10
OP2 5MC D 57 6.42 -21.03 15.62
O5' 5MC D 57 4.92 -20.23 13.79
C5' 5MC D 57 3.89 -19.36 13.26
C4' 5MC D 57 2.69 -20.17 12.83
O4' 5MC D 57 3.12 -21.26 11.97
C3' 5MC D 57 1.87 -20.83 13.94
O3' 5MC D 57 0.47 -20.80 13.65
C2' 5MC D 57 2.40 -22.26 13.95
O2' 5MC D 57 1.47 -23.20 14.45
C1' 5MC D 57 2.60 -22.48 12.46
N1 5MC D 57 3.55 -23.58 12.15
C2 5MC D 57 3.07 -24.89 12.14
O2 5MC D 57 1.86 -25.09 12.38
N3 5MC D 57 3.94 -25.90 11.86
C4 5MC D 57 5.22 -25.63 11.62
N4 5MC D 57 6.02 -26.68 11.34
C5 5MC D 57 5.73 -24.31 11.62
C6 5MC D 57 4.86 -23.32 11.90
CM5 5MC D 57 7.18 -24.04 11.34
N1 5MU D 63 6.41 -25.91 29.70
C2 5MU D 63 6.15 -26.73 28.76
N3 5MU D 63 6.39 -26.55 27.50
C4 5MU D 63 6.96 -25.42 27.20
C5 5MU D 63 7.28 -24.44 28.20
C5M 5MU D 63 7.98 -23.06 28.05
C6 5MU D 63 6.96 -24.75 29.52
O2 5MU D 63 5.63 -27.75 29.04
O4 5MU D 63 7.16 -25.32 26.05
C1' 5MU D 63 6.04 -26.25 31.10
C2' 5MU D 63 7.04 -27.20 31.76
O2' 5MU D 63 6.31 -28.09 32.59
C3' 5MU D 63 7.87 -26.23 32.59
C4' 5MU D 63 6.83 -25.20 33.02
O3' 5MU D 63 8.52 -26.86 33.68
O4' 5MU D 63 5.99 -25.07 31.86
C5' 5MU D 63 7.39 -23.85 33.42
O5' 5MU D 63 8.64 -23.61 32.82
P 5MU D 63 9.16 -22.13 32.59
OP1 5MU D 63 9.97 -21.70 33.80
OP2 5MU D 63 9.79 -22.05 31.24
N1 PSU D 64 9.88 -26.00 28.47
C2 PSU D 64 10.26 -25.77 27.17
N3 PSU D 64 10.42 -26.88 26.39
C4 PSU D 64 10.22 -28.17 26.82
C5 PSU D 64 9.83 -28.36 28.17
C6 PSU D 64 9.66 -27.24 28.97
O2 PSU D 64 10.45 -24.65 26.74
O4 PSU D 64 10.40 -29.10 26.02
C1' PSU D 64 9.60 -29.74 28.71
C2' PSU D 64 10.87 -30.59 28.86
O2' PSU D 64 10.61 -31.95 28.62
C3' PSU D 64 11.28 -30.29 30.31
C4' PSU D 64 9.90 -30.32 30.98
O3' PSU D 64 12.14 -31.32 30.80
O4' PSU D 64 9.02 -29.67 30.03
C5' PSU D 64 9.79 -29.65 32.33
O5' PSU D 64 10.04 -28.22 32.19
P PSU D 64 10.04 -27.32 33.55
OP1 PSU D 64 10.65 -28.19 34.62
OP2 PSU D 64 10.90 -26.10 33.22
P 1MA D 67 11.00 -26.62 22.20
OP1 1MA D 67 11.22 -25.51 21.28
OP2 1MA D 67 10.83 -26.35 23.63
O5' 1MA D 67 9.75 -27.42 21.71
C5' 1MA D 67 9.66 -28.03 20.45
C4' 1MA D 67 8.24 -27.92 20.02
O4' 1MA D 67 7.41 -28.55 20.96
C3' 1MA D 67 7.85 -26.47 20.07
O3' 1MA D 67 7.06 -26.19 18.94
C2' 1MA D 67 7.06 -26.39 21.33
O2' 1MA D 67 6.17 -25.31 21.26
C1' 1MA D 67 6.35 -27.69 21.32
N9 1MA D 67 5.93 -27.97 22.67
C8 1MA D 67 6.33 -27.28 23.72
N7 1MA D 67 5.79 -27.78 24.83
C5 1MA D 67 5.04 -28.79 24.49
C6 1MA D 67 4.17 -29.71 25.18
N6 1MA D 67 4.02 -29.69 26.51
N1 1MA D 67 3.55 -30.67 24.43
CM1 1MA D 67 2.67 -31.62 25.08
C2 1MA D 67 3.69 -30.71 23.12
N3 1MA D 67 4.46 -29.87 22.45
C4 1MA D 67 5.13 -28.92 23.06
N SAH E . 29.74 -31.29 -21.17
CA SAH E . 29.19 -32.19 -20.15
CB SAH E . 28.76 -31.41 -18.92
CG SAH E . 28.19 -30.03 -19.21
SD SAH E . 27.72 -29.15 -17.71
C SAH E . 28.02 -32.98 -20.71
O SAH E . 27.24 -33.56 -19.95
OXT SAH E . 27.82 -33.04 -21.91
C5' SAH E . 29.30 -28.29 -17.72
C4' SAH E . 30.25 -28.86 -16.68
O4' SAH E . 31.52 -28.28 -16.81
C3' SAH E . 29.78 -28.56 -15.27
O3' SAH E . 29.43 -29.77 -14.65
C2' SAH E . 30.94 -27.95 -14.55
O2' SAH E . 31.20 -28.71 -13.40
C1' SAH E . 32.08 -28.10 -15.53
N9 SAH E . 32.97 -26.94 -15.56
C8 SAH E . 32.63 -25.64 -15.78
N7 SAH E . 33.75 -24.90 -15.75
C5 SAH E . 34.80 -25.70 -15.54
C6 SAH E . 36.16 -25.47 -15.39
N6 SAH E . 36.63 -24.23 -15.50
N1 SAH E . 37.01 -26.51 -15.15
C2 SAH E . 36.51 -27.79 -15.03
N3 SAH E . 35.16 -28.02 -15.16
C4 SAH E . 34.32 -26.99 -15.40
MG MG F . -3.75 -20.63 5.06
MG MG G . 4.90 -28.04 -0.04
MG MG H . 3.84 -18.11 17.74
#